data_8FO5
#
_entry.id   8FO5
#
_cell.length_a   46.674
_cell.length_b   63.568
_cell.length_c   87.242
_cell.angle_alpha   84.39
_cell.angle_beta   85.51
_cell.angle_gamma   80.09
#
_symmetry.space_group_name_H-M   'P 1'
#
loop_
_entity.id
_entity.type
_entity.pdbx_description
1 polymer 'H9 immunoglobulin light chain'
2 non-polymer 1-[1-(benzenesulfonyl)-1H-pyrrol-3-yl]ethan-1-one
3 non-polymer 'PHOSPHATE ION'
4 water water
#
_entity_poly.entity_id   1
_entity_poly.type   'polypeptide(L)'
_entity_poly.pdbx_seq_one_letter_code
;QSALTQPPSASGSPGQSVTISCTGTSSDVGGSDSVSWYQQHPGKAPKLIIYEVSQRPSGVPNRFSGSKSGNTASLTVSGL
QAEDDADYYCSSYGGDNNLFFGGGTKVTVLGQPKAAPSVTLFPPSSEELQANKATLVCLISDFYPGAVTVAWKADSSPVK
AGVETTTPSKQSNNKYAASSYLSLTPEQWKSHRSYSCQVTHEGSTVEKTVAPTECS
;
_entity_poly.pdbx_strand_id   A,B,C,D
#
# COMPACT_ATOMS: atom_id res chain seq x y z
N GLN A 1 -2.78 12.54 -20.63
CA GLN A 1 -4.15 13.14 -20.60
C GLN A 1 -4.51 13.65 -22.00
N SER A 2 -5.79 13.96 -22.22
CA SER A 2 -6.30 14.81 -23.32
C SER A 2 -6.00 16.29 -23.01
N ALA A 3 -5.97 17.15 -24.03
CA ALA A 3 -5.49 18.53 -23.90
C ALA A 3 -6.59 19.41 -23.26
N LEU A 4 -7.88 19.22 -23.60
CA LEU A 4 -9.02 19.80 -22.86
C LEU A 4 -9.61 18.72 -21.93
N THR A 5 -10.20 19.14 -20.83
CA THR A 5 -10.72 18.25 -19.77
C THR A 5 -12.22 18.13 -19.93
N GLN A 6 -12.66 16.93 -20.29
CA GLN A 6 -14.10 16.59 -20.17
C GLN A 6 -14.28 15.52 -19.11
N PRO A 7 -15.38 15.65 -18.34
CA PRO A 7 -15.84 14.58 -17.47
C PRO A 7 -16.13 13.36 -18.33
N PRO A 8 -15.67 12.17 -17.89
CA PRO A 8 -15.75 10.96 -18.69
C PRO A 8 -17.19 10.53 -19.05
N SER A 9 -18.18 10.85 -18.21
CA SER A 9 -19.56 10.35 -18.41
C SER A 9 -20.56 11.32 -17.78
N ALA A 10 -21.78 11.28 -18.30
CA ALA A 10 -22.95 11.98 -17.74
C ALA A 10 -24.16 11.13 -18.10
N SER A 11 -25.28 11.31 -17.40
CA SER A 11 -26.50 10.52 -17.66
C SER A 11 -27.75 11.39 -17.47
N GLY A 12 -28.82 11.06 -18.18
CA GLY A 12 -30.16 11.55 -17.84
C GLY A 12 -31.21 10.57 -18.26
N SER A 13 -32.43 10.69 -17.73
CA SER A 13 -33.58 9.88 -18.20
C SER A 13 -34.21 10.57 -19.40
N PRO A 14 -34.97 9.87 -20.26
CA PRO A 14 -35.63 10.49 -21.40
C PRO A 14 -36.38 11.78 -21.01
N GLY A 15 -36.23 12.83 -21.84
CA GLY A 15 -36.91 14.12 -21.63
C GLY A 15 -36.23 15.00 -20.60
N GLN A 16 -35.24 14.53 -19.86
CA GLN A 16 -34.45 15.40 -18.93
C GLN A 16 -33.36 16.15 -19.73
N SER A 17 -32.71 17.10 -19.08
CA SER A 17 -31.60 17.93 -19.61
C SER A 17 -30.29 17.41 -19.00
N VAL A 18 -29.21 17.53 -19.76
CA VAL A 18 -27.83 17.23 -19.31
C VAL A 18 -26.94 18.35 -19.83
N THR A 19 -26.04 18.80 -18.99
CA THR A 19 -24.98 19.76 -19.36
C THR A 19 -23.64 19.04 -19.16
N ILE A 20 -22.79 19.08 -20.17
CA ILE A 20 -21.43 18.47 -20.06
C ILE A 20 -20.44 19.59 -20.33
N SER A 21 -19.33 19.61 -19.60
CA SER A 21 -18.35 20.72 -19.65
C SER A 21 -17.04 20.30 -20.35
N CYS A 22 -16.28 21.32 -20.72
CA CYS A 22 -15.06 21.24 -21.54
C CYS A 22 -14.11 22.32 -21.07
N THR A 23 -13.13 21.98 -20.24
CA THR A 23 -12.28 22.96 -19.51
C THR A 23 -10.91 22.99 -20.18
N GLY A 24 -10.44 24.19 -20.49
CA GLY A 24 -9.09 24.45 -20.98
C GLY A 24 -8.41 25.52 -20.16
N THR A 25 -7.66 26.36 -20.85
CA THR A 25 -6.86 27.49 -20.31
C THR A 25 -7.26 28.75 -21.09
N SER A 26 -6.67 29.88 -20.69
CA SER A 26 -6.93 31.19 -21.31
C SER A 26 -6.44 31.20 -22.75
N SER A 27 -5.45 30.38 -23.12
CA SER A 27 -4.85 30.38 -24.48
C SER A 27 -5.70 29.55 -25.47
N ASP A 28 -6.63 28.71 -25.01
CA ASP A 28 -7.41 27.85 -25.94
C ASP A 28 -8.87 28.20 -25.79
N VAL A 29 -9.57 27.55 -24.85
CA VAL A 29 -11.02 27.75 -24.65
C VAL A 29 -11.32 29.23 -24.33
N GLY A 30 -10.50 29.90 -23.53
CA GLY A 30 -10.82 31.26 -23.03
C GLY A 30 -10.25 32.37 -23.89
N GLY A 31 -9.55 32.04 -24.98
CA GLY A 31 -8.83 33.01 -25.82
C GLY A 31 -9.59 33.38 -27.09
N SER A 32 -10.67 32.66 -27.41
CA SER A 32 -11.48 32.90 -28.64
C SER A 32 -12.84 32.21 -28.50
N ASP A 33 -13.73 32.49 -29.45
CA ASP A 33 -15.11 31.93 -29.52
C ASP A 33 -15.06 30.76 -30.52
N SER A 34 -14.17 29.80 -30.29
CA SER A 34 -13.79 28.77 -31.29
C SER A 34 -14.10 27.35 -30.80
N VAL A 35 -14.94 27.19 -29.79
CA VAL A 35 -15.26 25.84 -29.25
C VAL A 35 -16.21 25.13 -30.22
N SER A 36 -15.88 23.89 -30.55
CA SER A 36 -16.77 22.99 -31.33
C SER A 36 -17.15 21.80 -30.45
N TRP A 37 -18.29 21.16 -30.74
CA TRP A 37 -18.72 19.88 -30.11
C TRP A 37 -19.07 18.89 -31.21
N TYR A 38 -18.75 17.63 -30.96
CA TYR A 38 -18.94 16.55 -31.94
C TYR A 38 -19.63 15.41 -31.20
N GLN A 39 -20.55 14.75 -31.90
CA GLN A 39 -21.34 13.64 -31.37
C GLN A 39 -20.88 12.40 -32.13
N GLN A 40 -20.63 11.30 -31.43
CA GLN A 40 -20.31 10.02 -32.09
C GLN A 40 -21.12 8.88 -31.44
N HIS A 41 -21.95 8.21 -32.22
CA HIS A 41 -22.48 6.86 -31.90
C HIS A 41 -21.35 5.85 -32.09
N PRO A 42 -21.09 4.95 -31.12
CA PRO A 42 -20.00 3.97 -31.21
C PRO A 42 -19.95 3.21 -32.55
N GLY A 43 -18.77 3.17 -33.18
CA GLY A 43 -18.50 2.52 -34.47
C GLY A 43 -19.10 3.25 -35.66
N LYS A 44 -19.56 4.51 -35.50
CA LYS A 44 -20.15 5.32 -36.59
C LYS A 44 -19.33 6.59 -36.75
N ALA A 45 -19.44 7.29 -37.88
CA ALA A 45 -18.73 8.56 -38.11
C ALA A 45 -19.24 9.56 -37.07
N PRO A 46 -18.35 10.41 -36.51
CA PRO A 46 -18.76 11.49 -35.63
C PRO A 46 -19.47 12.55 -36.47
N LYS A 47 -20.14 13.49 -35.81
CA LYS A 47 -20.76 14.63 -36.50
C LYS A 47 -20.55 15.92 -35.69
N LEU A 48 -20.18 16.99 -36.37
CA LEU A 48 -20.09 18.35 -35.76
C LEU A 48 -21.51 18.79 -35.41
N ILE A 49 -21.74 19.15 -34.15
CA ILE A 49 -23.08 19.58 -33.69
C ILE A 49 -23.06 21.04 -33.22
N ILE A 50 -21.89 21.56 -32.83
CA ILE A 50 -21.73 22.99 -32.42
C ILE A 50 -20.38 23.48 -32.95
N TYR A 51 -20.32 24.70 -33.45
CA TYR A 51 -19.06 25.41 -33.75
C TYR A 51 -19.19 26.84 -33.23
N GLU A 52 -18.06 27.49 -33.03
CA GLU A 52 -17.99 28.89 -32.54
C GLU A 52 -18.87 29.00 -31.30
N VAL A 53 -18.70 28.04 -30.37
CA VAL A 53 -19.31 27.99 -29.01
C VAL A 53 -20.79 27.63 -29.06
N SER A 54 -21.57 28.23 -29.96
CA SER A 54 -23.04 28.35 -29.88
C SER A 54 -23.74 27.95 -31.18
N GLN A 55 -23.04 27.84 -32.30
CA GLN A 55 -23.63 27.70 -33.66
C GLN A 55 -24.00 26.23 -33.96
N ARG A 56 -25.23 25.99 -34.36
CA ARG A 56 -25.71 24.66 -34.79
C ARG A 56 -25.60 24.56 -36.29
N PRO A 57 -24.89 23.55 -36.84
CA PRO A 57 -25.01 23.25 -38.26
C PRO A 57 -26.48 22.95 -38.62
N SER A 58 -26.80 23.12 -39.90
CA SER A 58 -28.08 22.70 -40.53
C SER A 58 -28.40 21.29 -40.07
N GLY A 59 -29.60 21.10 -39.56
CA GLY A 59 -30.16 19.77 -39.27
C GLY A 59 -29.91 19.32 -37.84
N VAL A 60 -29.10 20.05 -37.05
CA VAL A 60 -28.90 19.78 -35.60
C VAL A 60 -30.04 20.43 -34.81
N PRO A 61 -30.85 19.67 -34.07
CA PRO A 61 -32.02 20.26 -33.44
C PRO A 61 -31.58 21.26 -32.38
N ASN A 62 -32.43 22.25 -32.11
CA ASN A 62 -32.13 23.35 -31.15
C ASN A 62 -32.18 22.84 -29.70
N ARG A 63 -32.40 21.54 -29.47
CA ARG A 63 -32.26 20.94 -28.11
C ARG A 63 -30.80 21.01 -27.67
N PHE A 64 -29.87 21.04 -28.61
CA PHE A 64 -28.41 21.22 -28.34
C PHE A 64 -28.07 22.71 -28.34
N SER A 65 -27.44 23.18 -27.27
CA SER A 65 -26.93 24.56 -27.17
C SER A 65 -25.55 24.53 -26.52
N GLY A 66 -24.69 25.44 -26.95
CA GLY A 66 -23.33 25.62 -26.44
C GLY A 66 -23.18 27.01 -25.87
N SER A 67 -22.38 27.10 -24.81
CA SER A 67 -22.06 28.37 -24.13
C SER A 67 -20.63 28.24 -23.61
N LYS A 68 -20.12 29.33 -23.06
CA LYS A 68 -18.78 29.33 -22.48
C LYS A 68 -18.77 30.41 -21.41
N SER A 69 -18.01 30.17 -20.34
CA SER A 69 -17.70 31.16 -19.28
C SER A 69 -16.22 30.99 -18.94
N GLY A 70 -15.41 32.02 -19.23
CA GLY A 70 -13.93 31.98 -19.16
C GLY A 70 -13.41 30.74 -19.85
N ASN A 71 -12.78 29.84 -19.10
CA ASN A 71 -11.99 28.71 -19.66
C ASN A 71 -12.82 27.43 -19.73
N THR A 72 -14.12 27.51 -19.46
CA THR A 72 -15.01 26.31 -19.50
C THR A 72 -16.15 26.53 -20.50
N ALA A 73 -16.24 25.67 -21.52
CA ALA A 73 -17.36 25.60 -22.48
C ALA A 73 -18.33 24.50 -22.03
N SER A 74 -19.60 24.67 -22.31
CA SER A 74 -20.65 23.70 -21.89
C SER A 74 -21.58 23.39 -23.05
N LEU A 75 -21.89 22.12 -23.19
CA LEU A 75 -22.97 21.65 -24.09
C LEU A 75 -24.16 21.27 -23.22
N THR A 76 -25.31 21.84 -23.48
CA THR A 76 -26.59 21.42 -22.86
C THR A 76 -27.41 20.69 -23.93
N VAL A 77 -27.87 19.51 -23.58
CA VAL A 77 -28.86 18.71 -24.35
C VAL A 77 -30.14 18.72 -23.52
N SER A 78 -31.15 19.44 -24.00
N SER A 78 -31.15 19.43 -23.99
CA SER A 78 -32.53 19.49 -23.46
CA SER A 78 -32.51 19.46 -23.41
C SER A 78 -33.35 18.36 -24.08
C SER A 78 -33.35 18.37 -24.06
N GLY A 79 -34.30 17.80 -23.32
CA GLY A 79 -35.27 16.82 -23.84
C GLY A 79 -34.56 15.60 -24.37
N LEU A 80 -33.68 15.00 -23.56
CA LEU A 80 -32.90 13.80 -23.96
C LEU A 80 -33.81 12.78 -24.63
N GLN A 81 -33.39 12.31 -25.79
CA GLN A 81 -34.01 11.25 -26.59
C GLN A 81 -32.99 10.12 -26.75
N ALA A 82 -33.46 8.93 -27.08
CA ALA A 82 -32.66 7.69 -27.21
C ALA A 82 -31.42 7.99 -28.04
N GLU A 83 -31.59 8.76 -29.13
CA GLU A 83 -30.56 8.98 -30.18
C GLU A 83 -29.46 9.88 -29.60
N ASP A 84 -29.69 10.50 -28.44
CA ASP A 84 -28.69 11.40 -27.81
C ASP A 84 -27.65 10.58 -27.06
N ASP A 85 -27.93 9.28 -26.81
CA ASP A 85 -26.98 8.33 -26.17
C ASP A 85 -25.78 8.15 -27.12
N ALA A 86 -24.62 8.70 -26.75
CA ALA A 86 -23.44 8.81 -27.63
C ALA A 86 -22.25 9.35 -26.84
N ASP A 87 -21.10 9.42 -27.49
CA ASP A 87 -19.90 10.11 -26.97
C ASP A 87 -19.91 11.53 -27.53
N TYR A 88 -19.51 12.50 -26.69
CA TYR A 88 -19.44 13.91 -27.09
C TYR A 88 -18.02 14.40 -26.82
N TYR A 89 -17.42 15.00 -27.83
CA TYR A 89 -16.08 15.63 -27.78
C TYR A 89 -16.21 17.11 -28.00
N CYS A 90 -15.34 17.85 -27.32
CA CYS A 90 -15.14 19.28 -27.60
C CYS A 90 -13.76 19.52 -28.21
N SER A 91 -13.63 20.68 -28.83
CA SER A 91 -12.35 21.17 -29.39
C SER A 91 -12.30 22.69 -29.24
N SER A 92 -11.08 23.22 -29.15
CA SER A 92 -10.84 24.68 -29.17
C SER A 92 -9.63 24.94 -30.06
N TYR A 93 -9.66 26.03 -30.82
CA TYR A 93 -8.38 26.61 -31.30
C TYR A 93 -7.55 26.92 -30.07
N GLY A 94 -6.24 26.75 -30.17
CA GLY A 94 -5.28 27.17 -29.12
C GLY A 94 -4.33 28.25 -29.59
N GLY A 95 -4.52 28.81 -30.79
CA GLY A 95 -3.60 29.79 -31.40
C GLY A 95 -2.27 29.16 -31.77
N ASP A 96 -1.51 28.70 -30.76
CA ASP A 96 -0.07 28.35 -30.85
C ASP A 96 0.12 26.87 -31.23
N ASN A 97 -0.81 25.96 -30.85
CA ASN A 97 -0.77 24.51 -31.18
C ASN A 97 -2.12 24.18 -31.87
N ASN A 98 -2.68 25.15 -32.59
CA ASN A 98 -3.78 24.95 -33.57
C ASN A 98 -4.96 24.35 -32.80
N LEU A 99 -5.36 23.09 -33.06
CA LEU A 99 -6.66 22.51 -32.59
C LEU A 99 -6.45 21.57 -31.40
N PHE A 100 -7.10 21.83 -30.27
CA PHE A 100 -7.01 21.03 -29.02
C PHE A 100 -8.34 20.31 -28.75
N PHE A 101 -8.30 19.03 -28.37
CA PHE A 101 -9.53 18.21 -28.16
C PHE A 101 -9.62 17.76 -26.71
N GLY A 102 -10.86 17.61 -26.25
CA GLY A 102 -11.17 16.90 -24.99
C GLY A 102 -11.14 15.40 -25.22
N GLY A 103 -11.33 14.63 -24.14
CA GLY A 103 -11.18 13.17 -24.17
C GLY A 103 -12.51 12.50 -24.32
N GLY A 104 -13.61 13.27 -24.46
CA GLY A 104 -14.93 12.72 -24.73
C GLY A 104 -15.72 12.46 -23.46
N THR A 105 -17.01 12.71 -23.50
CA THR A 105 -17.96 12.40 -22.41
C THR A 105 -18.96 11.42 -22.98
N LYS A 106 -19.07 10.26 -22.37
CA LYS A 106 -20.10 9.25 -22.69
C LYS A 106 -21.41 9.72 -22.04
N VAL A 107 -22.42 10.06 -22.83
CA VAL A 107 -23.75 10.45 -22.27
C VAL A 107 -24.68 9.23 -22.38
N THR A 108 -25.18 8.77 -21.25
CA THR A 108 -26.16 7.65 -21.23
C THR A 108 -27.55 8.22 -21.00
N VAL A 109 -28.49 7.80 -21.85
CA VAL A 109 -29.94 7.95 -21.61
C VAL A 109 -30.36 6.72 -20.79
N LEU A 110 -30.69 6.93 -19.51
CA LEU A 110 -30.88 5.80 -18.53
C LEU A 110 -31.94 4.84 -19.07
N GLY A 111 -31.53 3.60 -19.33
CA GLY A 111 -32.42 2.51 -19.81
C GLY A 111 -32.93 1.62 -18.67
N GLN A 112 -32.36 1.80 -17.48
CA GLN A 112 -32.67 1.02 -16.25
C GLN A 112 -32.20 1.85 -15.05
N PRO A 113 -32.52 1.44 -13.82
CA PRO A 113 -31.99 2.12 -12.64
C PRO A 113 -30.46 2.24 -12.58
N LYS A 114 -29.99 3.37 -12.04
CA LYS A 114 -28.57 3.57 -11.71
C LYS A 114 -28.17 2.58 -10.62
N ALA A 115 -26.95 2.04 -10.73
CA ALA A 115 -26.41 1.07 -9.75
C ALA A 115 -24.94 1.42 -9.56
N ALA A 116 -24.55 1.68 -8.32
CA ALA A 116 -23.17 1.98 -7.92
C ALA A 116 -22.35 0.68 -7.94
N PRO A 117 -21.07 0.76 -8.35
CA PRO A 117 -20.25 -0.44 -8.52
C PRO A 117 -19.85 -1.02 -7.15
N SER A 118 -19.86 -2.34 -7.06
CA SER A 118 -19.13 -3.12 -6.05
C SER A 118 -17.66 -3.18 -6.51
N VAL A 119 -16.77 -2.64 -5.69
CA VAL A 119 -15.31 -2.57 -5.94
C VAL A 119 -14.63 -3.50 -4.94
N THR A 120 -13.85 -4.46 -5.45
CA THR A 120 -13.00 -5.36 -4.63
C THR A 120 -11.55 -5.31 -5.14
N LEU A 121 -10.61 -5.13 -4.23
CA LEU A 121 -9.19 -4.96 -4.61
C LEU A 121 -8.41 -6.16 -4.06
N PHE A 122 -7.76 -6.88 -4.96
CA PHE A 122 -7.01 -8.11 -4.64
C PHE A 122 -5.52 -7.80 -4.67
N PRO A 123 -4.83 -8.09 -3.55
CA PRO A 123 -3.37 -8.02 -3.50
C PRO A 123 -2.80 -9.19 -4.31
N PRO A 124 -1.48 -9.24 -4.54
CA PRO A 124 -0.87 -10.31 -5.32
C PRO A 124 -1.11 -11.67 -4.67
N SER A 125 -1.47 -12.66 -5.50
CA SER A 125 -1.64 -14.07 -5.14
C SER A 125 -0.26 -14.67 -4.86
N SER A 126 -0.20 -15.64 -3.96
CA SER A 126 1.03 -16.40 -3.62
C SER A 126 1.68 -16.98 -4.88
N GLU A 127 0.91 -17.68 -5.71
CA GLU A 127 1.45 -18.34 -6.93
C GLU A 127 2.12 -17.33 -7.87
N GLU A 128 1.51 -16.17 -8.13
CA GLU A 128 2.10 -15.22 -9.10
C GLU A 128 3.39 -14.65 -8.47
N LEU A 129 3.44 -14.43 -7.15
CA LEU A 129 4.64 -13.87 -6.47
C LEU A 129 5.80 -14.88 -6.60
N GLN A 130 5.53 -16.19 -6.53
CA GLN A 130 6.56 -17.24 -6.77
C GLN A 130 6.92 -17.29 -8.25
N ALA A 131 6.12 -16.67 -9.13
CA ALA A 131 6.40 -16.50 -10.57
C ALA A 131 6.98 -15.11 -10.88
N ASN A 132 7.38 -14.34 -9.85
CA ASN A 132 7.99 -13.00 -9.99
C ASN A 132 7.00 -12.03 -10.65
N LYS A 133 5.71 -12.13 -10.30
CA LYS A 133 4.66 -11.17 -10.74
C LYS A 133 3.88 -10.71 -9.49
N ALA A 134 3.57 -9.42 -9.40
CA ALA A 134 2.77 -8.87 -8.29
C ALA A 134 1.57 -8.12 -8.87
N THR A 135 0.88 -8.71 -9.86
CA THR A 135 -0.27 -8.04 -10.51
C THR A 135 -1.40 -7.92 -9.49
N LEU A 136 -2.00 -6.74 -9.37
CA LEU A 136 -3.18 -6.47 -8.52
C LEU A 136 -4.38 -6.42 -9.44
N VAL A 137 -5.53 -6.87 -8.96
CA VAL A 137 -6.79 -6.77 -9.74
CA VAL A 137 -6.79 -6.75 -9.75
C VAL A 137 -7.81 -5.98 -8.92
N CYS A 138 -8.48 -5.05 -9.58
CA CYS A 138 -9.58 -4.24 -9.04
C CYS A 138 -10.84 -4.67 -9.77
N LEU A 139 -11.68 -5.45 -9.09
CA LEU A 139 -12.94 -6.00 -9.65
C LEU A 139 -14.08 -5.00 -9.39
N ILE A 140 -14.79 -4.64 -10.46
CA ILE A 140 -15.86 -3.58 -10.46
C ILE A 140 -17.09 -4.21 -11.09
N SER A 141 -18.12 -4.52 -10.31
CA SER A 141 -19.30 -5.28 -10.80
C SER A 141 -20.62 -4.58 -10.43
N ASP A 142 -21.69 -4.96 -11.10
CA ASP A 142 -23.07 -4.60 -10.64
C ASP A 142 -23.30 -3.09 -10.81
N PHE A 143 -22.78 -2.45 -11.87
CA PHE A 143 -23.00 -1.00 -12.03
C PHE A 143 -23.80 -0.70 -13.29
N TYR A 144 -24.46 0.43 -13.28
CA TYR A 144 -25.20 0.98 -14.44
C TYR A 144 -25.27 2.48 -14.21
N PRO A 145 -25.00 3.34 -15.24
CA PRO A 145 -24.67 2.91 -16.60
C PRO A 145 -23.28 2.23 -16.70
N GLY A 146 -22.93 1.71 -17.87
CA GLY A 146 -21.73 0.88 -18.07
C GLY A 146 -20.50 1.72 -18.33
N ALA A 147 -20.41 2.91 -17.76
CA ALA A 147 -19.27 3.83 -17.94
C ALA A 147 -18.57 3.99 -16.60
N VAL A 148 -17.28 3.71 -16.56
CA VAL A 148 -16.48 3.77 -15.32
C VAL A 148 -15.09 4.27 -15.69
N THR A 149 -14.52 5.09 -14.83
CA THR A 149 -13.11 5.54 -14.94
C THR A 149 -12.35 5.03 -13.72
N VAL A 150 -11.22 4.38 -14.02
CA VAL A 150 -10.36 3.71 -13.02
C VAL A 150 -9.04 4.45 -13.02
N ALA A 151 -8.56 4.82 -11.83
CA ALA A 151 -7.21 5.38 -11.59
C ALA A 151 -6.55 4.53 -10.51
N TRP A 152 -5.23 4.34 -10.60
CA TRP A 152 -4.43 3.66 -9.56
C TRP A 152 -3.45 4.64 -8.89
N LYS A 153 -3.18 4.42 -7.61
CA LYS A 153 -2.15 5.17 -6.84
C LYS A 153 -1.13 4.19 -6.23
N ALA A 154 0.14 4.56 -6.31
CA ALA A 154 1.28 3.99 -5.54
C ALA A 154 1.54 4.93 -4.36
N ASP A 155 1.15 4.52 -3.14
CA ASP A 155 0.98 5.42 -1.98
C ASP A 155 -0.07 6.46 -2.37
N SER A 156 0.29 7.75 -2.47
CA SER A 156 -0.65 8.84 -2.83
C SER A 156 -0.43 9.26 -4.29
N SER A 157 0.62 8.73 -4.94
CA SER A 157 1.10 9.13 -6.28
C SER A 157 0.30 8.42 -7.37
N PRO A 158 -0.29 9.18 -8.31
CA PRO A 158 -0.82 8.58 -9.52
C PRO A 158 0.17 7.59 -10.14
N VAL A 159 -0.28 6.37 -10.46
CA VAL A 159 0.52 5.41 -11.26
C VAL A 159 -0.13 5.28 -12.64
N LYS A 160 0.69 5.51 -13.66
CA LYS A 160 0.35 5.64 -15.09
C LYS A 160 0.49 4.26 -15.76
N ALA A 161 1.68 3.68 -15.62
CA ALA A 161 2.16 2.52 -16.41
C ALA A 161 1.71 1.21 -15.73
N GLY A 162 1.49 0.20 -16.58
CA GLY A 162 1.10 -1.16 -16.17
C GLY A 162 -0.39 -1.28 -15.87
N VAL A 163 -1.21 -0.25 -16.11
CA VAL A 163 -2.69 -0.26 -15.86
C VAL A 163 -3.41 -0.72 -17.13
N GLU A 164 -4.32 -1.69 -17.01
CA GLU A 164 -5.29 -2.05 -18.06
C GLU A 164 -6.67 -2.17 -17.42
N THR A 165 -7.68 -1.68 -18.09
CA THR A 165 -9.09 -1.81 -17.62
C THR A 165 -9.88 -2.40 -18.76
N THR A 166 -10.71 -3.40 -18.47
CA THR A 166 -11.51 -4.05 -19.52
C THR A 166 -12.70 -3.13 -19.85
N THR A 167 -13.14 -3.16 -21.10
CA THR A 167 -14.38 -2.53 -21.56
C THR A 167 -15.53 -3.15 -20.78
N PRO A 168 -16.31 -2.35 -20.02
CA PRO A 168 -17.39 -2.92 -19.20
C PRO A 168 -18.33 -3.77 -20.06
N SER A 169 -18.78 -4.93 -19.55
CA SER A 169 -19.70 -5.82 -20.29
C SER A 169 -20.90 -6.13 -19.39
N LYS A 170 -22.06 -6.24 -20.02
CA LYS A 170 -23.33 -6.52 -19.33
C LYS A 170 -23.30 -7.98 -18.86
N GLN A 171 -23.57 -8.25 -17.59
CA GLN A 171 -23.54 -9.62 -17.02
C GLN A 171 -24.98 -10.16 -16.97
N SER A 172 -25.14 -11.38 -16.48
CA SER A 172 -26.42 -12.11 -16.36
C SER A 172 -27.48 -11.30 -15.58
N ASN A 173 -27.10 -10.44 -14.63
CA ASN A 173 -28.08 -9.60 -13.85
C ASN A 173 -28.41 -8.31 -14.62
N ASN A 174 -27.94 -8.16 -15.86
CA ASN A 174 -28.17 -7.00 -16.76
C ASN A 174 -27.46 -5.75 -16.22
N LYS A 175 -26.51 -5.90 -15.30
CA LYS A 175 -25.61 -4.79 -14.88
C LYS A 175 -24.19 -5.08 -15.32
N TYR A 176 -23.36 -4.04 -15.37
CA TYR A 176 -22.02 -4.11 -16.01
C TYR A 176 -20.96 -4.57 -15.02
N ALA A 177 -19.93 -5.23 -15.56
CA ALA A 177 -18.70 -5.58 -14.82
C ALA A 177 -17.48 -5.30 -15.69
N ALA A 178 -16.39 -4.98 -15.02
CA ALA A 178 -15.05 -4.79 -15.59
C ALA A 178 -14.03 -5.13 -14.52
N SER A 179 -12.79 -5.33 -14.94
N SER A 179 -12.78 -5.30 -14.94
CA SER A 179 -11.64 -5.47 -14.02
CA SER A 179 -11.64 -5.46 -14.03
C SER A 179 -10.55 -4.51 -14.48
C SER A 179 -10.56 -4.49 -14.49
N SER A 180 -9.86 -3.90 -13.53
CA SER A 180 -8.63 -3.13 -13.80
C SER A 180 -7.49 -3.94 -13.20
N TYR A 181 -6.39 -4.10 -13.93
CA TYR A 181 -5.19 -4.76 -13.39
C TYR A 181 -3.95 -3.90 -13.59
N LEU A 182 -3.13 -3.93 -12.55
CA LEU A 182 -1.87 -3.17 -12.43
C LEU A 182 -0.75 -4.20 -12.30
N SER A 183 0.12 -4.22 -13.30
CA SER A 183 1.21 -5.20 -13.41
C SER A 183 2.43 -4.62 -12.70
N LEU A 184 2.63 -5.03 -11.45
CA LEU A 184 3.77 -4.61 -10.60
C LEU A 184 4.82 -5.72 -10.58
N THR A 185 6.07 -5.38 -10.30
CA THR A 185 7.14 -6.34 -9.96
C THR A 185 6.95 -6.62 -8.47
N PRO A 186 7.37 -7.78 -7.94
CA PRO A 186 7.34 -8.01 -6.50
C PRO A 186 8.07 -6.90 -5.72
N GLU A 187 9.10 -6.31 -6.33
CA GLU A 187 9.93 -5.22 -5.74
CA GLU A 187 9.91 -5.24 -5.68
C GLU A 187 9.05 -3.99 -5.50
N GLN A 188 8.31 -3.59 -6.52
CA GLN A 188 7.38 -2.44 -6.44
C GLN A 188 6.35 -2.73 -5.34
N TRP A 189 5.77 -3.92 -5.33
CA TRP A 189 4.69 -4.27 -4.39
C TRP A 189 5.22 -4.15 -2.94
N LYS A 190 6.34 -4.80 -2.64
CA LYS A 190 6.86 -4.93 -1.25
C LYS A 190 7.43 -3.61 -0.71
N SER A 191 7.86 -2.71 -1.60
CA SER A 191 8.68 -1.50 -1.28
C SER A 191 7.78 -0.26 -1.08
N HIS A 192 6.49 -0.35 -1.37
CA HIS A 192 5.53 0.76 -1.18
C HIS A 192 4.67 0.49 0.05
N ARG A 193 4.19 1.56 0.68
CA ARG A 193 3.32 1.46 1.87
C ARG A 193 1.97 0.88 1.43
N SER A 194 1.49 1.23 0.23
CA SER A 194 0.19 0.72 -0.26
C SER A 194 -0.02 1.02 -1.74
N TYR A 195 -1.01 0.35 -2.29
CA TYR A 195 -1.58 0.67 -3.61
C TYR A 195 -3.08 0.80 -3.45
N SER A 196 -3.65 1.73 -4.21
CA SER A 196 -5.09 2.04 -4.22
C SER A 196 -5.63 1.93 -5.64
N CYS A 197 -6.88 1.50 -5.72
CA CYS A 197 -7.73 1.53 -6.93
C CYS A 197 -8.84 2.54 -6.66
N GLN A 198 -8.98 3.52 -7.56
CA GLN A 198 -9.98 4.63 -7.48
C GLN A 198 -10.95 4.45 -8.63
N VAL A 199 -12.23 4.26 -8.31
CA VAL A 199 -13.26 3.95 -9.32
C VAL A 199 -14.26 5.10 -9.33
N THR A 200 -14.40 5.77 -10.46
CA THR A 200 -15.33 6.90 -10.65
C THR A 200 -16.53 6.42 -11.48
N HIS A 201 -17.72 6.59 -10.94
CA HIS A 201 -18.99 6.19 -11.60
C HIS A 201 -20.05 7.24 -11.30
N GLU A 202 -20.70 7.76 -12.34
CA GLU A 202 -21.78 8.77 -12.18
C GLU A 202 -21.24 9.93 -11.32
N GLY A 203 -20.04 10.42 -11.67
CA GLY A 203 -19.51 11.68 -11.13
C GLY A 203 -19.10 11.56 -9.69
N SER A 204 -18.94 10.33 -9.19
CA SER A 204 -18.57 10.01 -7.78
C SER A 204 -17.44 8.98 -7.77
N THR A 205 -16.45 9.16 -6.90
CA THR A 205 -15.23 8.33 -6.85
C THR A 205 -15.25 7.49 -5.57
N VAL A 206 -14.90 6.20 -5.73
CA VAL A 206 -14.71 5.20 -4.63
C VAL A 206 -13.27 4.70 -4.72
N GLU A 207 -12.65 4.48 -3.57
CA GLU A 207 -11.22 4.12 -3.43
C GLU A 207 -11.08 2.90 -2.53
N LYS A 208 -10.25 1.94 -2.94
CA LYS A 208 -9.85 0.77 -2.13
C LYS A 208 -8.33 0.72 -2.07
N THR A 209 -7.81 0.34 -0.91
CA THR A 209 -6.36 0.33 -0.61
C THR A 209 -5.97 -1.06 -0.09
N VAL A 210 -4.82 -1.57 -0.54
CA VAL A 210 -4.21 -2.81 0.01
C VAL A 210 -2.74 -2.53 0.28
N ALA A 211 -2.17 -3.23 1.24
CA ALA A 211 -0.73 -3.12 1.58
C ALA A 211 -0.14 -4.52 1.77
N PRO A 212 1.19 -4.70 1.62
CA PRO A 212 1.81 -6.01 1.86
C PRO A 212 1.60 -6.47 3.31
N THR A 213 1.37 -7.77 3.47
CA THR A 213 1.28 -8.48 4.77
C THR A 213 2.46 -9.44 4.83
N GLU A 214 2.78 -9.99 6.01
CA GLU A 214 3.98 -10.85 6.23
C GLU A 214 3.78 -12.18 5.51
N CYS A 215 2.51 -12.57 5.37
CA CYS A 215 2.03 -13.88 4.86
C CYS A 215 1.13 -13.64 3.63
N SER A 216 0.40 -14.67 3.15
CA SER A 216 -0.49 -14.60 1.96
C SER A 216 -1.77 -15.44 2.16
N GLN B 1 -23.93 17.52 -44.26
CA GLN B 1 -24.93 16.39 -44.09
C GLN B 1 -24.34 15.13 -44.73
N SER B 2 -24.04 15.19 -46.04
CA SER B 2 -23.40 14.10 -46.84
C SER B 2 -22.07 13.66 -46.21
N ALA B 3 -21.85 12.36 -46.11
CA ALA B 3 -20.58 11.75 -45.66
C ALA B 3 -19.56 11.93 -46.78
N LEU B 4 -18.28 11.96 -46.44
CA LEU B 4 -17.18 11.70 -47.41
C LEU B 4 -17.15 10.19 -47.63
N THR B 5 -16.67 9.74 -48.78
CA THR B 5 -16.74 8.32 -49.18
C THR B 5 -15.46 7.60 -48.75
N GLN B 6 -15.58 6.64 -47.82
CA GLN B 6 -14.48 5.70 -47.50
C GLN B 6 -14.93 4.27 -47.78
N PRO B 7 -14.05 3.34 -48.25
CA PRO B 7 -14.42 1.93 -48.27
C PRO B 7 -14.66 1.49 -46.82
N PRO B 8 -15.66 0.63 -46.53
CA PRO B 8 -15.91 0.20 -45.16
C PRO B 8 -14.74 -0.60 -44.57
N SER B 9 -13.98 -1.29 -45.40
CA SER B 9 -12.88 -2.16 -44.92
C SER B 9 -11.68 -2.10 -45.86
N ALA B 10 -10.54 -2.43 -45.29
CA ALA B 10 -9.26 -2.66 -45.99
C ALA B 10 -8.46 -3.56 -45.09
N SER B 11 -7.33 -4.07 -45.58
CA SER B 11 -6.56 -5.06 -44.81
C SER B 11 -5.14 -5.12 -45.34
N GLY B 12 -4.27 -5.65 -44.52
CA GLY B 12 -2.86 -5.91 -44.85
C GLY B 12 -2.32 -6.90 -43.85
N SER B 13 -1.29 -7.63 -44.26
CA SER B 13 -0.48 -8.48 -43.37
C SER B 13 0.57 -7.63 -42.65
N PRO B 14 1.07 -8.08 -41.48
CA PRO B 14 2.16 -7.37 -40.81
C PRO B 14 3.34 -7.08 -41.73
N GLY B 15 3.88 -5.86 -41.67
CA GLY B 15 5.02 -5.41 -42.50
C GLY B 15 4.59 -4.85 -43.85
N GLN B 16 3.38 -5.15 -44.30
CA GLN B 16 2.84 -4.69 -45.60
C GLN B 16 2.23 -3.30 -45.44
N SER B 17 1.82 -2.72 -46.57
CA SER B 17 1.22 -1.37 -46.69
C SER B 17 -0.27 -1.51 -46.95
N VAL B 18 -1.06 -0.56 -46.46
CA VAL B 18 -2.45 -0.41 -46.93
C VAL B 18 -2.66 1.05 -47.30
N THR B 19 -3.44 1.26 -48.34
CA THR B 19 -3.83 2.59 -48.83
C THR B 19 -5.35 2.65 -48.76
N ILE B 20 -5.89 3.72 -48.17
CA ILE B 20 -7.36 3.90 -48.00
C ILE B 20 -7.74 5.30 -48.48
N SER B 21 -8.87 5.41 -49.17
CA SER B 21 -9.23 6.66 -49.89
C SER B 21 -10.39 7.32 -49.17
N CYS B 22 -10.51 8.61 -49.43
CA CYS B 22 -11.51 9.50 -48.84
C CYS B 22 -11.92 10.49 -49.92
N THR B 23 -13.05 10.22 -50.57
CA THR B 23 -13.52 11.01 -51.74
C THR B 23 -14.59 12.00 -51.28
N GLY B 24 -14.34 13.30 -51.51
CA GLY B 24 -15.32 14.35 -51.21
C GLY B 24 -15.78 15.02 -52.48
N THR B 25 -16.05 16.30 -52.40
CA THR B 25 -16.51 17.15 -53.53
C THR B 25 -15.54 18.30 -53.69
N SER B 26 -15.70 19.11 -54.75
CA SER B 26 -14.80 20.23 -55.08
C SER B 26 -14.86 21.29 -53.97
N SER B 27 -15.95 21.34 -53.20
CA SER B 27 -16.21 22.36 -52.14
C SER B 27 -15.71 21.86 -50.76
N ASP B 28 -15.24 20.62 -50.63
CA ASP B 28 -14.69 20.15 -49.31
C ASP B 28 -13.29 19.61 -49.51
N VAL B 29 -13.12 18.30 -49.77
CA VAL B 29 -11.78 17.69 -49.96
C VAL B 29 -11.04 18.39 -51.10
N GLY B 30 -11.68 18.64 -52.24
CA GLY B 30 -11.04 19.27 -53.41
C GLY B 30 -10.82 20.78 -53.25
N GLY B 31 -11.38 21.42 -52.23
CA GLY B 31 -11.53 22.90 -52.12
C GLY B 31 -10.47 23.57 -51.26
N SER B 32 -9.77 22.82 -50.40
CA SER B 32 -8.57 23.29 -49.64
C SER B 32 -7.80 22.09 -49.11
N ASP B 33 -6.70 22.36 -48.42
CA ASP B 33 -5.84 21.32 -47.82
C ASP B 33 -6.20 21.18 -46.34
N SER B 34 -7.49 21.13 -45.98
CA SER B 34 -7.88 20.91 -44.57
C SER B 34 -8.38 19.46 -44.37
N VAL B 35 -7.76 18.47 -45.00
CA VAL B 35 -8.13 17.05 -44.78
C VAL B 35 -7.39 16.53 -43.54
N SER B 36 -8.13 15.90 -42.61
CA SER B 36 -7.57 15.20 -41.43
C SER B 36 -7.90 13.70 -41.47
N TRP B 37 -7.02 12.90 -40.89
CA TRP B 37 -7.21 11.45 -40.64
C TRP B 37 -7.07 11.20 -39.15
N TYR B 38 -7.95 10.35 -38.65
CA TYR B 38 -8.03 9.91 -37.26
C TYR B 38 -8.03 8.39 -37.24
N GLN B 39 -7.34 7.87 -36.26
CA GLN B 39 -7.31 6.43 -35.92
C GLN B 39 -8.14 6.22 -34.66
N GLN B 40 -9.04 5.25 -34.66
CA GLN B 40 -9.88 5.02 -33.48
C GLN B 40 -9.96 3.53 -33.21
N HIS B 41 -9.51 3.16 -32.02
CA HIS B 41 -9.71 1.82 -31.44
C HIS B 41 -11.14 1.82 -30.90
N PRO B 42 -11.92 0.76 -31.18
CA PRO B 42 -13.27 0.63 -30.62
C PRO B 42 -13.30 0.93 -29.12
N GLY B 43 -14.23 1.79 -28.68
CA GLY B 43 -14.46 2.18 -27.29
C GLY B 43 -13.43 3.16 -26.73
N LYS B 44 -12.57 3.76 -27.58
CA LYS B 44 -11.50 4.70 -27.16
C LYS B 44 -11.67 6.01 -27.90
N ALA B 45 -11.13 7.11 -27.35
CA ALA B 45 -10.98 8.40 -28.07
C ALA B 45 -10.17 8.14 -29.35
N PRO B 46 -10.45 8.87 -30.45
CA PRO B 46 -9.59 8.78 -31.64
C PRO B 46 -8.27 9.54 -31.40
N LYS B 47 -7.27 9.25 -32.21
CA LYS B 47 -5.96 9.94 -32.27
C LYS B 47 -5.86 10.61 -33.65
N LEU B 48 -5.42 11.84 -33.72
CA LEU B 48 -5.17 12.52 -35.01
C LEU B 48 -3.89 11.94 -35.59
N ILE B 49 -3.94 11.42 -36.82
CA ILE B 49 -2.67 10.90 -37.42
CA ILE B 49 -2.75 10.83 -37.53
C ILE B 49 -2.18 11.84 -38.54
N ILE B 50 -3.04 12.61 -39.18
CA ILE B 50 -2.70 13.55 -40.28
C ILE B 50 -3.62 14.75 -40.15
N TYR B 51 -3.07 15.94 -40.34
CA TYR B 51 -3.84 17.17 -40.55
C TYR B 51 -3.28 17.86 -41.79
N GLU B 52 -4.08 18.76 -42.35
CA GLU B 52 -3.73 19.54 -43.56
C GLU B 52 -3.17 18.59 -44.61
N VAL B 53 -3.87 17.47 -44.89
CA VAL B 53 -3.61 16.49 -46.01
C VAL B 53 -2.42 15.57 -45.68
N SER B 54 -1.28 16.11 -45.23
CA SER B 54 0.04 15.40 -45.24
C SER B 54 0.76 15.49 -43.89
N GLN B 55 0.32 16.33 -42.96
CA GLN B 55 1.14 16.69 -41.77
C GLN B 55 0.83 15.71 -40.64
N ARG B 56 1.86 15.04 -40.11
CA ARG B 56 1.79 14.17 -38.90
C ARG B 56 1.97 15.03 -37.67
N PRO B 57 1.07 14.96 -36.67
CA PRO B 57 1.29 15.61 -35.39
C PRO B 57 2.44 14.94 -34.64
N SER B 58 2.91 15.57 -33.57
CA SER B 58 4.02 15.03 -32.73
C SER B 58 3.65 13.62 -32.29
N GLY B 59 4.62 12.71 -32.32
CA GLY B 59 4.50 11.33 -31.82
C GLY B 59 3.84 10.39 -32.82
N VAL B 60 3.40 10.87 -33.98
CA VAL B 60 2.82 9.93 -34.99
C VAL B 60 3.98 9.48 -35.89
N PRO B 61 4.24 8.16 -36.00
CA PRO B 61 5.41 7.69 -36.73
C PRO B 61 5.31 8.04 -38.22
N ASN B 62 6.44 8.14 -38.90
CA ASN B 62 6.48 8.49 -40.34
C ASN B 62 5.94 7.33 -41.22
N ARG B 63 5.38 6.27 -40.63
CA ARG B 63 4.72 5.12 -41.33
C ARG B 63 3.37 5.54 -41.91
N PHE B 64 2.78 6.59 -41.38
CA PHE B 64 1.46 7.15 -41.76
C PHE B 64 1.67 8.32 -42.73
N SER B 65 1.22 8.19 -43.96
CA SER B 65 1.46 9.27 -44.97
C SER B 65 0.17 9.60 -45.69
N GLY B 66 -0.09 10.90 -45.82
CA GLY B 66 -1.35 11.46 -46.35
C GLY B 66 -1.06 12.29 -47.57
N SER B 67 -1.94 12.15 -48.57
CA SER B 67 -1.86 12.86 -49.85
C SER B 67 -3.28 13.18 -50.31
N LYS B 68 -3.38 13.96 -51.38
CA LYS B 68 -4.67 14.28 -52.03
C LYS B 68 -4.43 14.42 -53.53
N SER B 69 -5.37 13.92 -54.34
CA SER B 69 -5.44 14.20 -55.79
C SER B 69 -6.89 14.54 -56.12
N GLY B 70 -7.14 15.77 -56.57
CA GLY B 70 -8.49 16.28 -56.87
C GLY B 70 -9.37 16.21 -55.63
N ASN B 71 -10.44 15.45 -55.69
CA ASN B 71 -11.46 15.35 -54.60
C ASN B 71 -11.17 14.15 -53.68
N THR B 72 -10.06 13.43 -53.87
CA THR B 72 -9.75 12.17 -53.13
C THR B 72 -8.45 12.35 -52.34
N ALA B 73 -8.59 12.31 -51.02
CA ALA B 73 -7.47 12.16 -50.07
C ALA B 73 -7.15 10.67 -49.92
N SER B 74 -5.89 10.34 -49.68
CA SER B 74 -5.48 8.94 -49.41
C SER B 74 -4.55 8.90 -48.22
N LEU B 75 -4.72 7.87 -47.39
CA LEU B 75 -3.78 7.59 -46.29
C LEU B 75 -3.14 6.27 -46.64
N THR B 76 -1.82 6.21 -46.55
CA THR B 76 -1.06 4.97 -46.66
C THR B 76 -0.43 4.71 -45.30
N VAL B 77 -0.68 3.51 -44.79
CA VAL B 77 -0.05 2.97 -43.56
C VAL B 77 0.95 1.94 -44.01
N SER B 78 2.24 2.15 -43.75
CA SER B 78 3.29 1.17 -44.10
C SER B 78 3.81 0.47 -42.83
N GLY B 79 4.48 -0.66 -43.03
CA GLY B 79 4.99 -1.56 -41.97
C GLY B 79 3.90 -1.87 -40.98
N LEU B 80 2.75 -2.40 -41.43
CA LEU B 80 1.55 -2.58 -40.56
C LEU B 80 1.94 -3.39 -39.31
N GLN B 81 1.44 -2.97 -38.14
CA GLN B 81 1.62 -3.64 -36.83
C GLN B 81 0.22 -3.88 -36.26
N ALA B 82 0.07 -4.80 -35.30
CA ALA B 82 -1.22 -5.06 -34.61
C ALA B 82 -1.91 -3.76 -34.18
N GLU B 83 -1.19 -2.81 -33.59
CA GLU B 83 -1.76 -1.53 -33.07
C GLU B 83 -2.48 -0.76 -34.20
N ASP B 84 -2.18 -1.02 -35.47
CA ASP B 84 -2.79 -0.25 -36.59
C ASP B 84 -4.20 -0.76 -36.89
N ASP B 85 -4.54 -1.95 -36.38
CA ASP B 85 -5.89 -2.54 -36.56
C ASP B 85 -6.88 -1.63 -35.83
N ALA B 86 -7.74 -0.95 -36.58
CA ALA B 86 -8.54 0.18 -36.07
C ALA B 86 -9.47 0.71 -37.15
N ASP B 87 -10.37 1.58 -36.74
CA ASP B 87 -11.21 2.41 -37.62
C ASP B 87 -10.45 3.70 -37.94
N TYR B 88 -10.43 4.07 -39.22
CA TYR B 88 -9.80 5.31 -39.72
C TYR B 88 -10.90 6.16 -40.36
N TYR B 89 -10.97 7.41 -39.93
CA TYR B 89 -11.96 8.41 -40.35
C TYR B 89 -11.21 9.54 -41.04
N CYS B 90 -11.74 10.02 -42.15
CA CYS B 90 -11.23 11.28 -42.73
C CYS B 90 -12.23 12.39 -42.42
N SER B 91 -11.76 13.63 -42.43
CA SER B 91 -12.60 14.82 -42.28
C SER B 91 -12.06 15.91 -43.20
N SER B 92 -12.94 16.81 -43.61
CA SER B 92 -12.61 17.99 -44.43
C SER B 92 -13.60 19.10 -44.10
N TYR B 93 -13.11 20.29 -43.83
CA TYR B 93 -13.95 21.52 -43.85
C TYR B 93 -14.37 21.83 -45.29
N GLY B 94 -15.56 22.40 -45.42
CA GLY B 94 -16.05 22.94 -46.69
C GLY B 94 -16.40 24.40 -46.49
N GLY B 95 -17.41 24.88 -47.19
CA GLY B 95 -17.89 26.26 -46.98
C GLY B 95 -18.79 26.28 -45.78
N ASP B 96 -19.11 27.48 -45.28
CA ASP B 96 -20.28 27.72 -44.41
C ASP B 96 -20.08 26.97 -43.09
N ASN B 97 -18.86 27.00 -42.56
CA ASN B 97 -18.46 26.36 -41.28
C ASN B 97 -18.80 24.86 -41.25
N ASN B 98 -19.04 24.23 -42.40
CA ASN B 98 -19.36 22.78 -42.43
C ASN B 98 -18.08 21.97 -42.21
N LEU B 99 -18.18 20.86 -41.48
CA LEU B 99 -17.11 19.85 -41.35
C LEU B 99 -17.69 18.52 -41.83
N PHE B 100 -17.10 17.89 -42.85
CA PHE B 100 -17.58 16.60 -43.39
C PHE B 100 -16.71 15.47 -42.85
N PHE B 101 -17.29 14.32 -42.56
CA PHE B 101 -16.59 13.11 -42.10
C PHE B 101 -16.91 11.96 -43.04
N GLY B 102 -15.91 11.12 -43.25
CA GLY B 102 -16.05 9.82 -43.89
C GLY B 102 -16.75 8.85 -42.97
N GLY B 103 -17.26 7.78 -43.54
CA GLY B 103 -18.02 6.73 -42.83
C GLY B 103 -17.12 5.82 -42.03
N GLY B 104 -15.80 5.92 -42.25
CA GLY B 104 -14.78 5.14 -41.53
C GLY B 104 -14.39 3.91 -42.34
N THR B 105 -13.11 3.61 -42.38
CA THR B 105 -12.57 2.31 -42.90
C THR B 105 -12.05 1.54 -41.69
N LYS B 106 -12.58 0.34 -41.46
CA LYS B 106 -11.97 -0.66 -40.55
C LYS B 106 -10.83 -1.32 -41.30
N VAL B 107 -9.61 -1.02 -40.87
CA VAL B 107 -8.35 -1.67 -41.35
C VAL B 107 -8.08 -2.86 -40.45
N THR B 108 -8.06 -4.05 -41.04
CA THR B 108 -7.69 -5.31 -40.38
C THR B 108 -6.23 -5.60 -40.68
N VAL B 109 -5.46 -5.89 -39.64
CA VAL B 109 -4.11 -6.45 -39.81
C VAL B 109 -4.31 -7.96 -39.75
N LEU B 110 -4.07 -8.62 -40.89
CA LEU B 110 -4.31 -10.09 -41.06
C LEU B 110 -3.25 -10.87 -40.28
N GLY B 111 -3.51 -12.15 -40.05
CA GLY B 111 -2.62 -13.14 -39.44
C GLY B 111 -1.93 -12.68 -38.18
N GLN B 112 -2.64 -12.05 -37.21
CA GLN B 112 -2.00 -11.65 -35.93
C GLN B 112 -1.67 -12.90 -35.11
N PRO B 113 -0.58 -12.90 -34.32
CA PRO B 113 -0.10 -14.14 -33.69
C PRO B 113 -1.09 -14.63 -32.62
N LYS B 114 -1.41 -15.93 -32.62
CA LYS B 114 -2.15 -16.62 -31.52
C LYS B 114 -1.33 -16.47 -30.24
N ALA B 115 -2.02 -16.27 -29.12
CA ALA B 115 -1.38 -16.06 -27.80
C ALA B 115 -2.25 -16.74 -26.75
N ALA B 116 -1.63 -17.56 -25.91
CA ALA B 116 -2.34 -18.31 -24.84
C ALA B 116 -2.61 -17.35 -23.69
N PRO B 117 -3.72 -17.52 -22.93
CA PRO B 117 -4.00 -16.62 -21.81
C PRO B 117 -3.00 -16.79 -20.67
N SER B 118 -2.56 -15.68 -20.06
CA SER B 118 -1.99 -15.61 -18.69
C SER B 118 -3.18 -15.63 -17.74
N VAL B 119 -3.19 -16.60 -16.84
CA VAL B 119 -4.31 -16.85 -15.89
C VAL B 119 -3.78 -16.65 -14.48
N THR B 120 -4.40 -15.77 -13.70
CA THR B 120 -4.03 -15.49 -12.31
C THR B 120 -5.31 -15.56 -11.49
N LEU B 121 -5.30 -16.43 -10.47
CA LEU B 121 -6.49 -16.69 -9.61
C LEU B 121 -6.25 -16.09 -8.23
N PHE B 122 -7.18 -15.27 -7.77
CA PHE B 122 -7.03 -14.50 -6.50
C PHE B 122 -8.08 -15.03 -5.54
N PRO B 123 -7.64 -15.45 -4.36
CA PRO B 123 -8.56 -15.86 -3.30
C PRO B 123 -9.19 -14.59 -2.72
N PRO B 124 -10.20 -14.72 -1.86
CA PRO B 124 -10.86 -13.56 -1.28
C PRO B 124 -9.89 -12.61 -0.57
N SER B 125 -10.08 -11.30 -0.73
CA SER B 125 -9.31 -10.26 -0.01
C SER B 125 -9.73 -10.24 1.46
N SER B 126 -8.82 -9.83 2.33
CA SER B 126 -9.07 -9.62 3.77
C SER B 126 -10.26 -8.68 3.94
N GLU B 127 -10.22 -7.53 3.25
CA GLU B 127 -11.29 -6.50 3.33
C GLU B 127 -12.64 -7.15 2.99
N GLU B 128 -12.77 -7.91 1.90
CA GLU B 128 -14.14 -8.38 1.52
C GLU B 128 -14.59 -9.43 2.51
N LEU B 129 -13.66 -10.22 3.05
CA LEU B 129 -13.99 -11.27 4.04
C LEU B 129 -14.51 -10.60 5.33
N GLN B 130 -13.97 -9.42 5.69
CA GLN B 130 -14.43 -8.61 6.86
C GLN B 130 -15.82 -8.03 6.57
N ALA B 131 -16.18 -7.90 5.29
CA ALA B 131 -17.50 -7.39 4.85
C ALA B 131 -18.44 -8.54 4.48
N ASN B 132 -18.16 -9.76 4.98
CA ASN B 132 -19.00 -10.97 4.81
C ASN B 132 -19.12 -11.33 3.32
N LYS B 133 -18.04 -11.18 2.54
CA LYS B 133 -18.02 -11.49 1.09
C LYS B 133 -16.75 -12.28 0.76
N ALA B 134 -16.86 -13.27 -0.11
CA ALA B 134 -15.73 -14.12 -0.51
C ALA B 134 -15.65 -14.25 -2.03
N THR B 135 -15.77 -13.17 -2.80
CA THR B 135 -15.63 -13.22 -4.27
C THR B 135 -14.19 -13.59 -4.65
N LEU B 136 -14.05 -14.57 -5.54
CA LEU B 136 -12.77 -14.95 -6.21
C LEU B 136 -12.73 -14.29 -7.57
N VAL B 137 -11.53 -13.97 -8.06
CA VAL B 137 -11.40 -13.40 -9.42
C VAL B 137 -10.29 -14.16 -10.15
N CYS B 138 -10.62 -14.60 -11.35
CA CYS B 138 -9.72 -15.29 -12.28
C CYS B 138 -9.42 -14.28 -13.38
N LEU B 139 -8.27 -13.60 -13.30
CA LEU B 139 -7.82 -12.64 -14.36
C LEU B 139 -7.20 -13.40 -15.55
N ILE B 140 -7.65 -13.07 -16.75
CA ILE B 140 -7.33 -13.78 -18.03
C ILE B 140 -6.89 -12.69 -19.01
N SER B 141 -5.60 -12.62 -19.30
CA SER B 141 -5.00 -11.52 -20.11
C SER B 141 -4.11 -12.09 -21.22
N ASP B 142 -3.80 -11.27 -22.22
CA ASP B 142 -2.68 -11.46 -23.15
C ASP B 142 -3.00 -12.62 -24.11
N PHE B 143 -4.28 -12.89 -24.38
CA PHE B 143 -4.69 -14.02 -25.26
C PHE B 143 -5.19 -13.45 -26.58
N TYR B 144 -5.16 -14.28 -27.61
CA TYR B 144 -5.56 -13.95 -28.99
C TYR B 144 -5.75 -15.23 -29.79
N PRO B 145 -6.85 -15.40 -30.55
CA PRO B 145 -7.92 -14.41 -30.66
C PRO B 145 -8.77 -14.29 -29.39
N GLY B 146 -9.84 -13.47 -29.43
CA GLY B 146 -10.54 -12.94 -28.23
C GLY B 146 -11.77 -13.74 -27.85
N ALA B 147 -11.61 -15.06 -27.71
CA ALA B 147 -12.67 -16.04 -27.38
C ALA B 147 -12.09 -17.01 -26.35
N VAL B 148 -12.73 -17.08 -25.17
CA VAL B 148 -12.34 -17.99 -24.07
C VAL B 148 -13.63 -18.52 -23.44
N THR B 149 -13.53 -19.68 -22.82
CA THR B 149 -14.61 -20.26 -21.98
C THR B 149 -13.97 -20.53 -20.63
N VAL B 150 -14.76 -20.38 -19.59
CA VAL B 150 -14.29 -20.44 -18.19
C VAL B 150 -15.21 -21.39 -17.43
N ALA B 151 -14.65 -22.36 -16.73
CA ALA B 151 -15.37 -23.25 -15.80
C ALA B 151 -14.70 -23.19 -14.43
N TRP B 152 -15.47 -23.24 -13.36
CA TRP B 152 -14.95 -23.22 -11.97
C TRP B 152 -15.23 -24.57 -11.32
N LYS B 153 -14.34 -24.93 -10.39
CA LYS B 153 -14.50 -26.14 -9.55
C LYS B 153 -14.42 -25.74 -8.08
N ALA B 154 -15.24 -26.41 -7.29
CA ALA B 154 -15.22 -26.41 -5.82
C ALA B 154 -14.70 -27.78 -5.41
N ASP B 155 -13.50 -27.85 -4.85
CA ASP B 155 -12.72 -29.11 -4.79
C ASP B 155 -12.62 -29.63 -6.24
N SER B 156 -13.08 -30.85 -6.55
CA SER B 156 -13.02 -31.41 -7.92
C SER B 156 -14.34 -31.22 -8.66
N SER B 157 -15.38 -30.66 -8.04
CA SER B 157 -16.77 -30.70 -8.60
C SER B 157 -17.05 -29.42 -9.37
N PRO B 158 -17.71 -29.50 -10.56
CA PRO B 158 -18.24 -28.34 -11.27
C PRO B 158 -19.07 -27.40 -10.38
N VAL B 159 -18.84 -26.09 -10.56
CA VAL B 159 -19.63 -25.01 -9.92
C VAL B 159 -20.59 -24.52 -10.97
N LYS B 160 -21.88 -24.54 -10.66
CA LYS B 160 -22.94 -24.39 -11.68
C LYS B 160 -23.64 -23.05 -11.50
N ALA B 161 -23.39 -22.36 -10.37
CA ALA B 161 -24.02 -21.09 -9.95
C ALA B 161 -22.95 -20.09 -9.51
N GLY B 162 -23.22 -18.80 -9.70
CA GLY B 162 -22.47 -17.70 -9.07
C GLY B 162 -21.37 -17.20 -9.97
N VAL B 163 -21.27 -17.71 -11.20
CA VAL B 163 -20.14 -17.39 -12.11
C VAL B 163 -20.58 -16.25 -13.04
N GLU B 164 -19.75 -15.21 -13.11
CA GLU B 164 -19.79 -14.21 -14.22
C GLU B 164 -18.43 -14.16 -14.90
N THR B 165 -18.41 -14.09 -16.22
CA THR B 165 -17.19 -13.88 -17.03
C THR B 165 -17.47 -12.67 -17.96
N THR B 166 -16.62 -11.65 -17.88
CA THR B 166 -16.75 -10.45 -18.73
C THR B 166 -16.44 -10.83 -20.19
N THR B 167 -17.01 -10.06 -21.12
CA THR B 167 -16.80 -10.19 -22.57
C THR B 167 -15.38 -9.74 -22.86
N PRO B 168 -14.54 -10.60 -23.47
CA PRO B 168 -13.15 -10.24 -23.75
C PRO B 168 -13.05 -8.87 -24.44
N SER B 169 -12.08 -8.06 -24.03
CA SER B 169 -11.87 -6.72 -24.65
C SER B 169 -10.39 -6.56 -25.01
N LYS B 170 -10.13 -5.88 -26.12
CA LYS B 170 -8.75 -5.66 -26.60
C LYS B 170 -8.07 -4.59 -25.75
N GLN B 171 -6.93 -4.91 -25.16
CA GLN B 171 -6.13 -4.00 -24.30
C GLN B 171 -5.02 -3.37 -25.14
N SER B 172 -4.15 -2.58 -24.51
CA SER B 172 -3.21 -1.66 -25.19
C SER B 172 -2.08 -2.47 -25.86
N ASN B 173 -1.86 -3.73 -25.45
CA ASN B 173 -0.93 -4.68 -26.14
C ASN B 173 -1.61 -5.41 -27.32
N ASN B 174 -2.84 -5.04 -27.70
CA ASN B 174 -3.54 -5.64 -28.88
C ASN B 174 -3.97 -7.08 -28.58
N LYS B 175 -3.91 -7.52 -27.32
CA LYS B 175 -4.39 -8.87 -26.93
C LYS B 175 -5.57 -8.70 -25.96
N TYR B 176 -6.36 -9.75 -25.82
CA TYR B 176 -7.65 -9.73 -25.09
C TYR B 176 -7.39 -9.99 -23.61
N ALA B 177 -8.28 -9.42 -22.82
CA ALA B 177 -8.32 -9.58 -21.36
C ALA B 177 -9.78 -9.78 -20.95
N ALA B 178 -9.95 -10.61 -19.95
CA ALA B 178 -11.25 -10.77 -19.27
C ALA B 178 -11.00 -11.22 -17.84
N SER B 179 -12.02 -11.11 -17.01
N SER B 179 -12.00 -11.10 -16.99
CA SER B 179 -12.02 -11.64 -15.63
CA SER B 179 -11.98 -11.70 -15.64
C SER B 179 -13.25 -12.53 -15.47
C SER B 179 -13.24 -12.54 -15.49
N SER B 180 -13.10 -13.66 -14.79
CA SER B 180 -14.21 -14.48 -14.31
C SER B 180 -14.28 -14.25 -12.81
N TYR B 181 -15.47 -14.03 -12.25
CA TYR B 181 -15.58 -13.82 -10.79
C TYR B 181 -16.65 -14.78 -10.27
N LEU B 182 -16.31 -15.48 -9.19
CA LEU B 182 -17.20 -16.42 -8.50
C LEU B 182 -17.61 -15.80 -7.16
N SER B 183 -18.89 -15.45 -7.04
CA SER B 183 -19.48 -14.81 -5.84
C SER B 183 -19.82 -15.83 -4.76
N LEU B 184 -18.85 -16.16 -3.92
CA LEU B 184 -19.01 -17.09 -2.78
C LEU B 184 -19.34 -16.31 -1.50
N THR B 185 -20.00 -16.98 -0.58
CA THR B 185 -20.10 -16.55 0.83
C THR B 185 -18.81 -16.96 1.54
N PRO B 186 -18.41 -16.32 2.65
CA PRO B 186 -17.27 -16.80 3.43
C PRO B 186 -17.44 -18.29 3.81
N GLU B 187 -18.67 -18.75 4.06
CA GLU B 187 -19.01 -20.15 4.41
C GLU B 187 -18.67 -21.09 3.24
N GLN B 188 -19.06 -20.76 2.02
CA GLN B 188 -18.76 -21.60 0.83
C GLN B 188 -17.23 -21.70 0.73
N TRP B 189 -16.55 -20.57 0.77
CA TRP B 189 -15.09 -20.50 0.56
C TRP B 189 -14.35 -21.40 1.58
N LYS B 190 -14.72 -21.29 2.85
CA LYS B 190 -14.09 -22.02 4.00
C LYS B 190 -14.53 -23.49 4.06
N SER B 191 -15.67 -23.88 3.48
CA SER B 191 -16.19 -25.28 3.55
C SER B 191 -15.52 -26.17 2.49
N HIS B 192 -14.65 -25.63 1.65
CA HIS B 192 -13.98 -26.37 0.54
C HIS B 192 -12.45 -26.38 0.77
N ARG B 193 -11.80 -27.40 0.24
CA ARG B 193 -10.33 -27.56 0.29
C ARG B 193 -9.72 -26.59 -0.70
N SER B 194 -10.35 -26.38 -1.86
CA SER B 194 -9.86 -25.41 -2.87
C SER B 194 -10.99 -25.02 -3.82
N TYR B 195 -10.73 -23.98 -4.61
CA TYR B 195 -11.53 -23.60 -5.79
C TYR B 195 -10.57 -23.42 -6.97
N SER B 196 -11.02 -23.82 -8.15
CA SER B 196 -10.21 -23.84 -9.39
C SER B 196 -10.94 -23.08 -10.50
N CYS B 197 -10.16 -22.33 -11.24
CA CYS B 197 -10.60 -21.62 -12.45
C CYS B 197 -9.96 -22.32 -13.65
N GLN B 198 -10.74 -22.85 -14.58
CA GLN B 198 -10.21 -23.53 -15.77
C GLN B 198 -10.58 -22.67 -16.96
N VAL B 199 -9.56 -22.22 -17.70
CA VAL B 199 -9.71 -21.31 -18.86
C VAL B 199 -9.41 -22.08 -20.13
N THR B 200 -10.36 -22.15 -21.05
CA THR B 200 -10.18 -22.85 -22.33
C THR B 200 -10.03 -21.80 -23.45
N HIS B 201 -8.98 -21.94 -24.23
CA HIS B 201 -8.67 -21.05 -25.37
C HIS B 201 -8.03 -21.86 -26.49
N GLU B 202 -8.66 -21.93 -27.65
CA GLU B 202 -8.11 -22.63 -28.84
C GLU B 202 -7.79 -24.08 -28.44
N GLY B 203 -8.79 -24.76 -27.87
CA GLY B 203 -8.77 -26.18 -27.46
C GLY B 203 -7.82 -26.51 -26.32
N SER B 204 -7.08 -25.53 -25.80
CA SER B 204 -6.08 -25.72 -24.70
C SER B 204 -6.65 -25.10 -23.42
N THR B 205 -6.42 -25.76 -22.29
CA THR B 205 -6.98 -25.38 -20.96
C THR B 205 -5.84 -25.11 -19.98
N VAL B 206 -5.96 -24.03 -19.24
CA VAL B 206 -5.06 -23.60 -18.13
C VAL B 206 -5.89 -23.70 -16.86
N GLU B 207 -5.40 -24.36 -15.83
CA GLU B 207 -6.16 -24.44 -14.56
C GLU B 207 -5.33 -23.80 -13.43
N LYS B 208 -5.97 -23.01 -12.60
CA LYS B 208 -5.34 -22.47 -11.38
C LYS B 208 -6.24 -22.84 -10.21
N THR B 209 -5.62 -22.95 -9.06
CA THR B 209 -6.23 -23.44 -7.81
C THR B 209 -5.80 -22.56 -6.63
N VAL B 210 -6.73 -22.18 -5.79
CA VAL B 210 -6.44 -21.43 -4.55
C VAL B 210 -7.18 -22.13 -3.41
N ALA B 211 -6.69 -21.95 -2.20
CA ALA B 211 -7.18 -22.63 -0.99
C ALA B 211 -7.26 -21.59 0.12
N PRO B 212 -8.17 -21.73 1.10
CA PRO B 212 -8.24 -20.80 2.23
C PRO B 212 -6.87 -20.61 2.90
N THR B 213 -6.55 -19.37 3.27
CA THR B 213 -5.20 -18.93 3.73
C THR B 213 -4.96 -19.48 5.14
N GLU B 214 -3.68 -19.62 5.50
CA GLU B 214 -3.21 -20.26 6.76
C GLU B 214 -2.43 -19.23 7.58
N CYS B 215 -2.78 -17.94 7.46
CA CYS B 215 -1.98 -16.79 7.94
C CYS B 215 -2.69 -16.12 9.14
N SER C 2 10.13 -15.67 23.01
CA SER C 2 9.17 -16.03 24.10
C SER C 2 8.55 -17.40 23.84
N ALA C 3 8.29 -18.18 24.89
CA ALA C 3 7.85 -19.58 24.77
C ALA C 3 6.45 -19.60 24.11
N LEU C 4 5.56 -18.69 24.47
CA LEU C 4 4.30 -18.46 23.71
C LEU C 4 4.45 -17.23 22.79
N THR C 5 3.64 -17.21 21.74
CA THR C 5 3.68 -16.18 20.67
C THR C 5 2.44 -15.30 20.80
N GLN C 6 2.69 -14.02 21.07
CA GLN C 6 1.69 -12.94 20.99
C GLN C 6 2.13 -12.00 19.87
N PRO C 7 1.16 -11.41 19.11
CA PRO C 7 1.48 -10.30 18.22
C PRO C 7 2.06 -9.17 19.07
N PRO C 8 3.14 -8.51 18.58
CA PRO C 8 3.74 -7.39 19.32
C PRO C 8 2.79 -6.23 19.64
N SER C 9 1.81 -5.99 18.79
CA SER C 9 0.96 -4.78 18.91
C SER C 9 -0.45 -5.07 18.42
N ALA C 10 -1.41 -4.30 18.95
CA ALA C 10 -2.81 -4.29 18.49
C ALA C 10 -3.36 -2.89 18.82
N SER C 11 -4.46 -2.49 18.20
CA SER C 11 -5.02 -1.15 18.46
C SER C 11 -6.53 -1.18 18.25
N GLY C 12 -7.23 -0.28 18.91
CA GLY C 12 -8.59 0.08 18.52
C GLY C 12 -8.95 1.46 19.02
N SER C 13 -10.01 2.05 18.51
CA SER C 13 -10.51 3.37 18.99
C SER C 13 -11.37 3.12 20.22
N PRO C 14 -11.56 4.14 21.09
CA PRO C 14 -12.46 4.05 22.22
C PRO C 14 -13.82 3.45 21.83
N GLY C 15 -14.32 2.54 22.68
CA GLY C 15 -15.61 1.87 22.46
C GLY C 15 -15.52 0.69 21.53
N GLN C 16 -14.44 0.54 20.75
CA GLN C 16 -14.27 -0.66 19.89
C GLN C 16 -13.82 -1.85 20.76
N SER C 17 -13.77 -3.03 20.13
CA SER C 17 -13.26 -4.27 20.71
C SER C 17 -11.92 -4.61 20.06
N VAL C 18 -11.01 -5.19 20.84
CA VAL C 18 -9.77 -5.80 20.30
C VAL C 18 -9.67 -7.25 20.82
N THR C 19 -9.25 -8.16 19.97
CA THR C 19 -8.94 -9.55 20.33
C THR C 19 -7.46 -9.72 20.08
N ILE C 20 -6.75 -10.24 21.08
CA ILE C 20 -5.29 -10.50 20.95
C ILE C 20 -5.07 -11.98 21.22
N SER C 21 -4.15 -12.60 20.49
CA SER C 21 -3.95 -14.07 20.47
C SER C 21 -2.67 -14.45 21.25
N CYS C 22 -2.61 -15.69 21.70
CA CYS C 22 -1.52 -16.28 22.51
C CYS C 22 -1.35 -17.72 22.07
N THR C 23 -0.35 -17.99 21.24
CA THR C 23 -0.17 -19.29 20.55
C THR C 23 0.98 -20.05 21.23
N GLY C 24 0.69 -21.28 21.67
CA GLY C 24 1.69 -22.27 22.08
C GLY C 24 1.48 -23.55 21.29
N THR C 25 1.74 -24.69 21.93
CA THR C 25 1.67 -26.05 21.32
C THR C 25 0.64 -26.87 22.09
N SER C 26 0.47 -28.14 21.66
CA SER C 26 -0.35 -29.21 22.29
C SER C 26 0.02 -29.42 23.75
N SER C 27 1.29 -29.30 24.12
CA SER C 27 1.74 -29.64 25.51
C SER C 27 1.71 -28.42 26.45
N ASP C 28 1.29 -27.22 26.01
CA ASP C 28 1.17 -26.02 26.90
C ASP C 28 -0.25 -25.48 26.80
N VAL C 29 -0.49 -24.55 25.85
CA VAL C 29 -1.81 -23.87 25.69
C VAL C 29 -2.85 -24.94 25.33
N GLY C 30 -2.50 -25.90 24.47
CA GLY C 30 -3.46 -26.94 24.03
C GLY C 30 -3.66 -28.05 25.06
N GLY C 31 -2.72 -28.17 26.01
CA GLY C 31 -2.60 -29.29 26.95
C GLY C 31 -3.59 -29.23 28.10
N SER C 32 -3.99 -28.04 28.52
CA SER C 32 -4.92 -27.81 29.67
C SER C 32 -5.65 -26.49 29.49
N ASP C 33 -6.50 -26.14 30.48
CA ASP C 33 -7.29 -24.90 30.55
C ASP C 33 -6.63 -23.98 31.57
N SER C 34 -5.37 -23.64 31.34
CA SER C 34 -4.49 -23.02 32.36
C SER C 34 -3.88 -21.70 31.85
N VAL C 35 -4.44 -21.12 30.77
CA VAL C 35 -4.00 -19.79 30.25
C VAL C 35 -4.39 -18.66 31.25
N SER C 36 -3.43 -17.82 31.59
CA SER C 36 -3.63 -16.57 32.36
C SER C 36 -3.30 -15.36 31.47
N TRP C 37 -3.93 -14.22 31.75
CA TRP C 37 -3.60 -12.95 31.08
C TRP C 37 -3.31 -11.93 32.15
N TYR C 38 -2.33 -11.09 31.86
CA TYR C 38 -1.80 -10.08 32.79
C TYR C 38 -1.78 -8.76 32.04
N GLN C 39 -2.18 -7.71 32.75
CA GLN C 39 -2.21 -6.34 32.21
C GLN C 39 -1.11 -5.55 32.89
N GLN C 40 -0.30 -4.80 32.14
CA GLN C 40 0.72 -3.93 32.76
C GLN C 40 0.71 -2.56 32.10
N HIS C 41 0.37 -1.53 32.87
CA HIS C 41 0.70 -0.13 32.48
C HIS C 41 2.21 0.05 32.60
N PRO C 42 2.89 0.59 31.58
CA PRO C 42 4.35 0.68 31.59
C PRO C 42 4.88 1.36 32.85
N GLY C 43 5.84 0.70 33.53
CA GLY C 43 6.50 1.20 34.74
C GLY C 43 5.69 0.94 35.99
N LYS C 44 4.60 0.16 35.88
CA LYS C 44 3.66 -0.09 37.00
C LYS C 44 3.59 -1.60 37.21
N ALA C 45 3.19 -2.04 38.40
CA ALA C 45 3.00 -3.48 38.72
C ALA C 45 2.02 -4.05 37.70
N PRO C 46 2.25 -5.27 37.18
CA PRO C 46 1.25 -5.94 36.37
C PRO C 46 0.10 -6.40 37.25
N LYS C 47 -0.97 -6.85 36.60
CA LYS C 47 -2.20 -7.31 37.29
C LYS C 47 -2.73 -8.52 36.54
N LEU C 48 -2.92 -9.63 37.25
CA LEU C 48 -3.69 -10.80 36.73
C LEU C 48 -5.11 -10.37 36.39
N ILE C 49 -5.56 -10.58 35.16
CA ILE C 49 -6.91 -10.15 34.72
C ILE C 49 -7.72 -11.36 34.25
N ILE C 50 -7.07 -12.44 33.82
CA ILE C 50 -7.73 -13.73 33.48
C ILE C 50 -6.88 -14.89 34.02
N TYR C 51 -7.50 -15.92 34.58
CA TYR C 51 -6.85 -17.23 34.87
C TYR C 51 -7.76 -18.35 34.37
N GLU C 52 -7.16 -19.52 34.14
CA GLU C 52 -7.87 -20.74 33.68
C GLU C 52 -8.71 -20.39 32.44
N VAL C 53 -8.09 -19.69 31.48
CA VAL C 53 -8.62 -19.36 30.13
C VAL C 53 -9.64 -18.22 30.19
N SER C 54 -10.56 -18.21 31.17
CA SER C 54 -11.84 -17.44 31.12
C SER C 54 -12.21 -16.78 32.45
N GLN C 55 -11.55 -17.12 33.55
CA GLN C 55 -11.92 -16.63 34.91
C GLN C 55 -11.37 -15.22 35.15
N ARG C 56 -12.23 -14.34 35.64
CA ARG C 56 -11.89 -12.96 36.03
C ARG C 56 -11.71 -12.89 37.54
N PRO C 57 -10.54 -12.43 38.04
CA PRO C 57 -10.43 -12.12 39.45
C PRO C 57 -11.53 -11.10 39.81
N SER C 58 -11.90 -11.03 41.10
CA SER C 58 -12.66 -9.91 41.72
C SER C 58 -12.18 -8.59 41.15
N GLY C 59 -13.10 -7.73 40.72
CA GLY C 59 -12.81 -6.32 40.39
C GLY C 59 -12.39 -6.13 38.93
N VAL C 60 -12.13 -7.19 38.15
CA VAL C 60 -11.84 -7.09 36.70
C VAL C 60 -13.15 -7.07 35.94
N PRO C 61 -13.44 -6.00 35.17
CA PRO C 61 -14.74 -5.87 34.52
C PRO C 61 -14.98 -6.92 33.44
N ASN C 62 -16.24 -7.23 33.17
CA ASN C 62 -16.63 -8.32 32.23
C ASN C 62 -16.36 -7.86 30.78
N ARG C 63 -15.86 -6.66 30.53
CA ARG C 63 -15.40 -6.21 29.19
C ARG C 63 -14.24 -7.08 28.76
N PHE C 64 -13.51 -7.66 29.72
CA PHE C 64 -12.38 -8.60 29.49
C PHE C 64 -12.93 -10.04 29.45
N SER C 65 -12.70 -10.76 28.36
CA SER C 65 -13.08 -12.18 28.27
C SER C 65 -11.90 -12.95 27.69
N GLY C 66 -11.70 -14.15 28.22
CA GLY C 66 -10.66 -15.07 27.78
C GLY C 66 -11.31 -16.28 27.17
N SER C 67 -10.71 -16.77 26.10
CA SER C 67 -11.21 -17.96 25.39
C SER C 67 -10.01 -18.73 24.84
N LYS C 68 -10.27 -19.91 24.33
CA LYS C 68 -9.19 -20.78 23.82
C LYS C 68 -9.78 -21.72 22.77
N SER C 69 -9.03 -21.92 21.69
CA SER C 69 -9.35 -22.90 20.62
C SER C 69 -8.08 -23.62 20.22
N GLY C 70 -7.97 -24.90 20.60
CA GLY C 70 -6.76 -25.73 20.42
C GLY C 70 -5.58 -25.12 21.14
N ASN C 71 -4.54 -24.73 20.39
CA ASN C 71 -3.21 -24.28 20.92
C ASN C 71 -3.14 -22.75 21.00
N THR C 72 -4.23 -22.07 20.71
CA THR C 72 -4.30 -20.58 20.69
C THR C 72 -5.35 -20.12 21.70
N ALA C 73 -4.92 -19.34 22.70
CA ALA C 73 -5.84 -18.55 23.57
C ALA C 73 -5.98 -17.16 22.99
N SER C 74 -7.13 -16.54 23.25
CA SER C 74 -7.41 -15.12 22.90
C SER C 74 -7.97 -14.39 24.11
N LEU C 75 -7.58 -13.13 24.25
CA LEU C 75 -8.18 -12.13 25.16
C LEU C 75 -8.96 -11.17 24.26
N THR C 76 -10.22 -10.91 24.59
CA THR C 76 -11.05 -9.88 23.95
C THR C 76 -11.27 -8.76 24.96
N VAL C 77 -10.98 -7.53 24.55
CA VAL C 77 -11.36 -6.32 25.32
C VAL C 77 -12.48 -5.64 24.53
N SER C 78 -13.67 -5.59 25.10
CA SER C 78 -14.81 -4.87 24.47
C SER C 78 -14.91 -3.48 25.11
N GLY C 79 -15.50 -2.52 24.41
CA GLY C 79 -15.70 -1.16 24.92
C GLY C 79 -14.40 -0.56 25.41
N LEU C 80 -13.36 -0.55 24.57
CA LEU C 80 -12.02 -0.03 24.95
C LEU C 80 -12.14 1.35 25.59
N GLN C 81 -11.44 1.50 26.71
CA GLN C 81 -11.29 2.75 27.50
C GLN C 81 -9.80 3.12 27.55
N ALA C 82 -9.49 4.38 27.82
CA ALA C 82 -8.11 4.92 27.95
C ALA C 82 -7.27 4.02 28.89
N GLU C 83 -7.87 3.53 29.98
CA GLU C 83 -7.15 2.70 30.98
C GLU C 83 -6.79 1.34 30.37
N ASP C 84 -7.36 0.95 29.23
CA ASP C 84 -7.05 -0.38 28.62
C ASP C 84 -5.74 -0.31 27.84
N ASP C 85 -5.22 0.90 27.58
CA ASP C 85 -3.94 1.13 26.85
C ASP C 85 -2.82 0.63 27.74
N ALA C 86 -2.13 -0.43 27.34
CA ALA C 86 -1.28 -1.21 28.26
C ALA C 86 -0.64 -2.33 27.47
N ASP C 87 0.29 -3.04 28.12
CA ASP C 87 0.89 -4.29 27.59
C ASP C 87 0.14 -5.46 28.22
N TYR C 88 -0.12 -6.49 27.42
CA TYR C 88 -0.89 -7.69 27.81
C TYR C 88 0.02 -8.89 27.60
N TYR C 89 0.22 -9.68 28.65
CA TYR C 89 0.97 -10.94 28.63
C TYR C 89 0.00 -12.10 28.87
N CYS C 90 0.31 -13.23 28.24
CA CYS C 90 -0.37 -14.52 28.52
C CYS C 90 0.64 -15.51 29.13
N SER C 91 0.14 -16.48 29.89
CA SER C 91 0.95 -17.60 30.42
C SER C 91 0.14 -18.87 30.22
N SER C 92 0.83 -20.00 30.18
CA SER C 92 0.21 -21.36 30.20
C SER C 92 1.09 -22.24 31.07
N TYR C 93 0.49 -23.13 31.86
CA TYR C 93 1.25 -24.29 32.38
C TYR C 93 1.84 -25.01 31.18
N GLY C 94 3.07 -25.50 31.32
CA GLY C 94 3.68 -26.46 30.39
C GLY C 94 3.39 -27.87 30.86
N GLY C 95 4.19 -28.84 30.42
CA GLY C 95 4.12 -30.26 30.85
C GLY C 95 4.96 -30.52 32.08
N ASP C 96 6.22 -30.05 32.06
CA ASP C 96 7.28 -30.40 33.05
C ASP C 96 7.10 -29.57 34.34
N ASN C 97 5.86 -29.24 34.71
CA ASN C 97 5.48 -28.55 35.98
C ASN C 97 6.09 -27.14 36.01
N ASN C 98 5.93 -26.39 34.90
CA ASN C 98 6.57 -25.07 34.64
C ASN C 98 5.57 -24.12 33.96
N LEU C 99 5.86 -22.81 34.00
CA LEU C 99 4.98 -21.73 33.45
C LEU C 99 5.63 -21.21 32.16
N PHE C 100 4.90 -21.16 31.05
CA PHE C 100 5.37 -20.52 29.80
C PHE C 100 4.66 -19.19 29.59
N PHE C 101 5.41 -18.16 29.14
CA PHE C 101 4.94 -16.77 28.91
C PHE C 101 5.02 -16.38 27.42
N GLY C 102 4.03 -15.60 27.00
CA GLY C 102 4.06 -14.81 25.76
C GLY C 102 4.99 -13.63 25.91
N GLY C 103 5.35 -13.00 24.79
CA GLY C 103 6.27 -11.85 24.75
C GLY C 103 5.57 -10.53 24.98
N GLY C 104 4.24 -10.53 25.14
CA GLY C 104 3.51 -9.28 25.39
C GLY C 104 2.91 -8.67 24.13
N THR C 105 1.68 -8.17 24.26
CA THR C 105 1.07 -7.34 23.19
C THR C 105 0.89 -5.93 23.74
N LYS C 106 1.46 -4.95 23.01
CA LYS C 106 1.18 -3.52 23.22
C LYS C 106 -0.18 -3.19 22.57
N VAL C 107 -1.19 -2.91 23.40
CA VAL C 107 -2.53 -2.50 22.90
C VAL C 107 -2.62 -0.97 23.04
N THR C 108 -2.81 -0.30 21.93
CA THR C 108 -3.01 1.18 21.89
C THR C 108 -4.49 1.50 21.70
N VAL C 109 -5.03 2.32 22.57
CA VAL C 109 -6.34 2.98 22.34
C VAL C 109 -6.01 4.23 21.52
N LEU C 110 -6.33 4.22 20.21
CA LEU C 110 -5.91 5.27 19.25
C LEU C 110 -6.20 6.66 19.83
N GLY C 111 -5.15 7.45 19.99
CA GLY C 111 -5.24 8.83 20.50
C GLY C 111 -5.26 9.85 19.38
N GLN C 112 -4.98 9.42 18.16
CA GLN C 112 -4.83 10.25 16.93
C GLN C 112 -4.96 9.29 15.75
N PRO C 113 -4.99 9.77 14.49
CA PRO C 113 -5.15 8.88 13.35
C PRO C 113 -3.95 7.95 13.18
N LYS C 114 -4.18 6.77 12.60
CA LYS C 114 -3.09 5.82 12.25
C LYS C 114 -2.27 6.44 11.13
N ALA C 115 -0.99 6.12 11.09
CA ALA C 115 -0.01 6.65 10.12
C ALA C 115 1.04 5.57 9.89
N ALA C 116 1.18 5.15 8.66
CA ALA C 116 2.17 4.14 8.24
C ALA C 116 3.55 4.80 8.24
N PRO C 117 4.61 4.03 8.53
CA PRO C 117 5.95 4.58 8.70
C PRO C 117 6.57 4.95 7.35
N SER C 118 7.28 6.06 7.33
CA SER C 118 8.27 6.38 6.27
C SER C 118 9.56 5.62 6.63
N VAL C 119 10.02 4.77 5.71
CA VAL C 119 11.20 3.88 5.89
C VAL C 119 12.25 4.28 4.84
N THR C 120 13.47 4.55 5.29
CA THR C 120 14.65 4.87 4.45
C THR C 120 15.85 4.04 4.93
N LEU C 121 16.42 3.25 4.04
CA LEU C 121 17.51 2.31 4.35
C LEU C 121 18.82 2.90 3.78
N PHE C 122 19.83 3.03 4.62
CA PHE C 122 21.11 3.66 4.22
C PHE C 122 22.16 2.56 4.15
N PRO C 123 22.92 2.47 3.03
CA PRO C 123 24.11 1.61 2.96
C PRO C 123 25.23 2.16 3.84
N PRO C 124 26.36 1.45 4.03
CA PRO C 124 27.45 1.95 4.88
C PRO C 124 28.02 3.26 4.29
N SER C 125 28.28 4.26 5.15
CA SER C 125 28.95 5.53 4.78
C SER C 125 30.41 5.20 4.40
N SER C 126 31.01 6.01 3.55
CA SER C 126 32.43 5.87 3.13
C SER C 126 33.37 6.02 4.35
N GLU C 127 33.14 6.98 5.24
CA GLU C 127 34.01 7.19 6.43
C GLU C 127 33.99 5.97 7.37
N GLU C 128 32.82 5.37 7.65
CA GLU C 128 32.81 4.21 8.57
C GLU C 128 33.51 3.03 7.87
N LEU C 129 33.41 2.89 6.54
CA LEU C 129 34.02 1.73 5.84
C LEU C 129 35.54 1.79 5.97
N GLN C 130 36.10 3.00 5.94
CA GLN C 130 37.56 3.23 6.13
C GLN C 130 37.94 3.02 7.60
N ALA C 131 36.97 3.01 8.53
CA ALA C 131 37.22 2.67 9.95
C ALA C 131 36.79 1.22 10.28
N ASN C 132 36.73 0.32 9.30
CA ASN C 132 36.34 -1.11 9.50
C ASN C 132 35.00 -1.20 10.28
N LYS C 133 34.01 -0.40 9.91
CA LYS C 133 32.60 -0.54 10.35
C LYS C 133 31.73 -0.44 9.11
N ALA C 134 30.74 -1.30 8.94
CA ALA C 134 29.76 -1.21 7.83
C ALA C 134 28.34 -1.17 8.39
N THR C 135 28.09 -0.41 9.48
CA THR C 135 26.74 -0.26 10.09
C THR C 135 25.78 0.26 9.02
N LEU C 136 24.65 -0.42 8.82
CA LEU C 136 23.50 0.06 8.01
C LEU C 136 22.49 0.71 8.94
N VAL C 137 21.74 1.70 8.47
CA VAL C 137 20.67 2.31 9.31
C VAL C 137 19.36 2.30 8.54
N CYS C 138 18.31 1.86 9.22
CA CYS C 138 16.91 1.84 8.73
C CYS C 138 16.17 2.90 9.53
N LEU C 139 15.94 4.05 8.91
CA LEU C 139 15.22 5.18 9.55
C LEU C 139 13.73 4.95 9.34
N ILE C 140 12.96 5.05 10.43
CA ILE C 140 11.50 4.77 10.50
C ILE C 140 10.84 5.98 11.17
N SER C 141 10.14 6.82 10.41
CA SER C 141 9.54 8.05 10.95
C SER C 141 8.05 8.16 10.64
N ASP C 142 7.39 9.07 11.35
CA ASP C 142 6.05 9.59 10.98
C ASP C 142 5.01 8.45 11.13
N PHE C 143 5.16 7.53 12.09
CA PHE C 143 4.16 6.46 12.30
C PHE C 143 3.37 6.68 13.60
N TYR C 144 2.18 6.10 13.59
CA TYR C 144 1.28 5.99 14.77
C TYR C 144 0.35 4.81 14.53
N PRO C 145 0.12 3.93 15.56
CA PRO C 145 0.78 4.03 16.87
C PRO C 145 2.30 3.76 16.87
N GLY C 146 2.90 4.03 18.04
CA GLY C 146 4.36 4.02 18.28
C GLY C 146 4.87 2.63 18.52
N ALA C 147 4.45 1.64 17.72
CA ALA C 147 4.89 0.23 17.81
C ALA C 147 5.24 -0.26 16.42
N VAL C 148 6.46 -0.79 16.32
CA VAL C 148 7.02 -1.26 15.04
C VAL C 148 7.82 -2.52 15.34
N THR C 149 7.82 -3.46 14.40
CA THR C 149 8.75 -4.59 14.42
C THR C 149 9.60 -4.46 13.18
N VAL C 150 10.89 -4.75 13.36
CA VAL C 150 11.90 -4.64 12.30
C VAL C 150 12.55 -6.01 12.17
N ALA C 151 12.67 -6.51 10.94
CA ALA C 151 13.39 -7.75 10.55
C ALA C 151 14.37 -7.41 9.43
N TRP C 152 15.61 -7.83 9.60
CA TRP C 152 16.70 -7.58 8.65
C TRP C 152 16.92 -8.87 7.88
N LYS C 153 17.22 -8.78 6.58
CA LYS C 153 17.59 -9.93 5.75
C LYS C 153 18.94 -9.66 5.10
N ALA C 154 19.83 -10.65 5.16
CA ALA C 154 21.03 -10.78 4.30
C ALA C 154 20.62 -11.64 3.09
N ASP C 155 20.59 -11.03 1.91
CA ASP C 155 19.94 -11.60 0.70
C ASP C 155 18.48 -11.91 1.06
N SER C 156 18.11 -13.18 1.19
CA SER C 156 16.71 -13.61 1.47
C SER C 156 16.61 -14.29 2.82
N SER C 157 17.72 -14.35 3.55
CA SER C 157 17.87 -15.07 4.84
C SER C 157 17.79 -14.06 5.97
N PRO C 158 16.99 -14.30 7.03
CA PRO C 158 16.91 -13.36 8.15
C PRO C 158 18.28 -13.26 8.82
N VAL C 159 18.61 -12.11 9.38
CA VAL C 159 19.87 -11.94 10.16
C VAL C 159 19.47 -11.70 11.61
N LYS C 160 19.96 -12.58 12.49
CA LYS C 160 19.70 -12.56 13.94
C LYS C 160 20.48 -11.38 14.54
N ALA C 161 21.80 -11.45 14.44
CA ALA C 161 22.73 -10.70 15.30
C ALA C 161 23.11 -9.35 14.67
N GLY C 162 23.57 -8.45 15.52
CA GLY C 162 24.06 -7.11 15.17
C GLY C 162 22.93 -6.09 15.12
N VAL C 163 21.72 -6.46 15.56
CA VAL C 163 20.51 -5.59 15.41
C VAL C 163 20.26 -4.87 16.74
N GLU C 164 20.11 -3.57 16.64
CA GLU C 164 19.53 -2.70 17.69
C GLU C 164 18.44 -1.85 17.01
N THR C 165 17.30 -1.72 17.65
CA THR C 165 16.23 -0.80 17.25
C THR C 165 15.93 0.07 18.47
N THR C 166 15.86 1.38 18.29
CA THR C 166 15.59 2.35 19.37
C THR C 166 14.10 2.31 19.73
N THR C 167 13.80 2.62 20.97
CA THR C 167 12.42 2.77 21.49
C THR C 167 11.78 3.93 20.76
N PRO C 168 10.69 3.71 19.99
CA PRO C 168 10.02 4.81 19.30
C PRO C 168 9.78 6.01 20.21
N SER C 169 10.07 7.22 19.73
CA SER C 169 9.88 8.48 20.48
C SER C 169 8.95 9.39 19.67
N LYS C 170 8.09 10.12 20.33
CA LYS C 170 7.20 11.09 19.65
C LYS C 170 8.07 12.27 19.19
N GLN C 171 8.05 12.62 17.91
CA GLN C 171 8.83 13.76 17.35
C GLN C 171 7.98 15.04 17.38
N SER C 172 8.48 16.14 16.81
CA SER C 172 7.85 17.49 16.90
C SER C 172 6.45 17.52 16.24
N ASN C 173 6.22 16.71 15.19
CA ASN C 173 4.93 16.58 14.46
C ASN C 173 3.94 15.64 15.18
N ASN C 174 4.27 15.13 16.37
CA ASN C 174 3.43 14.28 17.26
C ASN C 174 3.29 12.87 16.69
N LYS C 175 4.13 12.47 15.72
CA LYS C 175 4.23 11.07 15.24
C LYS C 175 5.58 10.44 15.67
N TYR C 176 5.67 9.12 15.64
CA TYR C 176 6.83 8.41 16.23
C TYR C 176 7.94 8.24 15.22
N ALA C 177 9.16 8.12 15.75
CA ALA C 177 10.37 7.85 14.95
C ALA C 177 11.27 6.90 15.74
N ALA C 178 11.94 6.03 15.01
CA ALA C 178 12.96 5.12 15.57
C ALA C 178 13.95 4.86 14.46
N SER C 179 15.07 4.22 14.80
N SER C 179 15.07 4.24 14.81
CA SER C 179 16.07 3.75 13.83
CA SER C 179 16.09 3.75 13.85
C SER C 179 16.51 2.35 14.25
C SER C 179 16.47 2.33 14.26
N SER C 180 16.66 1.46 13.28
CA SER C 180 17.25 0.13 13.50
C SER C 180 18.61 0.18 12.82
N TYR C 181 19.67 -0.28 13.49
CA TYR C 181 21.01 -0.31 12.89
C TYR C 181 21.57 -1.73 13.03
N LEU C 182 22.01 -2.24 11.90
CA LEU C 182 22.68 -3.55 11.72
C LEU C 182 24.18 -3.27 11.66
N SER C 183 24.89 -3.60 12.73
CA SER C 183 26.35 -3.32 12.91
C SER C 183 27.13 -4.42 12.21
N LEU C 184 27.42 -4.25 10.92
CA LEU C 184 28.15 -5.27 10.10
C LEU C 184 29.64 -4.94 10.02
N THR C 185 30.48 -5.97 9.90
CA THR C 185 31.87 -5.83 9.39
C THR C 185 31.78 -5.52 7.89
N PRO C 186 32.76 -4.78 7.33
CA PRO C 186 32.94 -4.69 5.87
C PRO C 186 32.88 -5.99 5.07
N GLU C 187 33.43 -7.08 5.62
CA GLU C 187 33.45 -8.40 4.93
C GLU C 187 32.00 -8.89 4.86
N GLN C 188 31.26 -8.86 5.99
CA GLN C 188 29.81 -9.20 6.05
C GLN C 188 29.09 -8.46 4.92
N TRP C 189 29.24 -7.13 4.82
CA TRP C 189 28.55 -6.28 3.82
C TRP C 189 28.86 -6.75 2.40
N LYS C 190 30.14 -6.93 2.07
CA LYS C 190 30.61 -7.27 0.70
C LYS C 190 30.28 -8.73 0.33
N SER C 191 30.16 -9.62 1.32
CA SER C 191 29.89 -11.08 1.16
C SER C 191 28.39 -11.37 0.99
N HIS C 192 27.57 -10.36 0.71
CA HIS C 192 26.13 -10.54 0.36
C HIS C 192 25.79 -9.62 -0.82
N ARG C 193 24.78 -9.95 -1.61
CA ARG C 193 24.46 -9.24 -2.88
C ARG C 193 23.48 -8.09 -2.63
N SER C 194 22.91 -8.04 -1.43
CA SER C 194 21.86 -7.07 -1.00
C SER C 194 21.58 -7.28 0.49
N TYR C 195 21.11 -6.24 1.15
CA TYR C 195 20.57 -6.34 2.54
C TYR C 195 19.20 -5.67 2.55
N SER C 196 18.31 -6.15 3.42
CA SER C 196 16.92 -5.68 3.47
C SER C 196 16.53 -5.28 4.88
N CYS C 197 15.72 -4.23 4.97
CA CYS C 197 15.03 -3.83 6.21
C CYS C 197 13.52 -3.89 5.90
N GLN C 198 12.83 -4.72 6.67
CA GLN C 198 11.37 -5.00 6.61
C GLN C 198 10.77 -4.44 7.90
N VAL C 199 9.92 -3.42 7.77
CA VAL C 199 9.20 -2.79 8.91
C VAL C 199 7.73 -3.16 8.83
N THR C 200 7.19 -3.71 9.91
CA THR C 200 5.76 -4.08 10.12
C THR C 200 5.14 -3.08 11.09
N HIS C 201 4.04 -2.48 10.65
CA HIS C 201 3.26 -1.53 11.46
C HIS C 201 1.79 -1.89 11.25
N GLU C 202 1.03 -2.07 12.32
CA GLU C 202 -0.46 -2.20 12.22
C GLU C 202 -0.79 -3.28 11.18
N GLY C 203 -0.10 -4.42 11.24
CA GLY C 203 -0.34 -5.61 10.40
C GLY C 203 0.45 -5.60 9.08
N SER C 204 0.82 -4.42 8.55
CA SER C 204 1.28 -4.28 7.14
C SER C 204 2.80 -4.08 7.09
N THR C 205 3.40 -4.52 6.01
CA THR C 205 4.87 -4.65 5.86
C THR C 205 5.33 -3.69 4.76
N VAL C 206 6.54 -3.18 4.92
CA VAL C 206 7.27 -2.42 3.88
C VAL C 206 8.71 -2.87 3.95
N GLU C 207 9.30 -3.13 2.77
CA GLU C 207 10.68 -3.67 2.65
C GLU C 207 11.45 -2.73 1.72
N LYS C 208 12.60 -2.28 2.23
CA LYS C 208 13.58 -1.48 1.47
C LYS C 208 14.82 -2.34 1.33
N THR C 209 15.52 -2.19 0.22
CA THR C 209 16.70 -3.02 -0.09
C THR C 209 17.83 -2.09 -0.51
N VAL C 210 19.03 -2.33 0.01
CA VAL C 210 20.29 -1.65 -0.44
C VAL C 210 21.28 -2.76 -0.82
N ALA C 211 22.28 -2.41 -1.63
CA ALA C 211 23.29 -3.35 -2.19
C ALA C 211 24.62 -2.63 -2.29
N PRO C 212 25.78 -3.34 -2.14
CA PRO C 212 27.07 -2.73 -2.44
C PRO C 212 27.08 -2.26 -3.89
N THR C 213 27.38 -0.98 -4.12
CA THR C 213 27.42 -0.34 -5.46
C THR C 213 28.87 -0.28 -5.97
N GLU C 214 29.03 0.11 -7.24
CA GLU C 214 30.33 0.26 -7.96
C GLU C 214 31.21 1.31 -7.25
N CYS C 215 30.60 2.33 -6.65
CA CYS C 215 31.32 3.48 -6.03
C CYS C 215 30.51 4.03 -4.85
N GLN D 1 -6.84 -7.17 45.31
CA GLN D 1 -6.76 -5.68 45.17
C GLN D 1 -5.46 -5.17 45.78
N SER D 2 -4.94 -5.80 46.84
CA SER D 2 -3.79 -5.27 47.62
C SER D 2 -2.44 -5.70 47.02
N ALA D 3 -1.47 -4.79 47.01
CA ALA D 3 -0.10 -4.99 46.51
C ALA D 3 0.73 -5.65 47.60
N LEU D 4 1.71 -6.48 47.22
CA LEU D 4 2.81 -6.89 48.12
C LEU D 4 3.69 -5.65 48.32
N THR D 5 4.25 -5.44 49.51
CA THR D 5 4.99 -4.20 49.83
C THR D 5 6.47 -4.39 49.51
N GLN D 6 6.93 -3.68 48.48
CA GLN D 6 8.36 -3.57 48.10
C GLN D 6 8.81 -2.15 48.35
N PRO D 7 10.10 -1.94 48.69
CA PRO D 7 10.63 -0.58 48.76
C PRO D 7 10.62 -0.03 47.33
N PRO D 8 10.28 1.26 47.11
CA PRO D 8 10.19 1.80 45.76
C PRO D 8 11.57 1.85 45.11
N SER D 9 12.62 2.03 45.92
CA SER D 9 13.98 2.13 45.36
C SER D 9 15.04 1.46 46.24
N ALA D 10 16.15 1.19 45.59
CA ALA D 10 17.37 0.61 46.16
C ALA D 10 18.46 0.97 45.17
N SER D 11 19.69 0.96 45.64
CA SER D 11 20.84 1.41 44.83
C SER D 11 22.12 0.78 45.33
N GLY D 12 23.09 0.70 44.45
CA GLY D 12 24.44 0.24 44.77
C GLY D 12 25.37 0.60 43.65
N SER D 13 26.64 0.72 43.99
CA SER D 13 27.77 0.85 43.06
C SER D 13 28.05 -0.53 42.50
N PRO D 14 28.75 -0.59 41.35
CA PRO D 14 29.18 -1.86 40.79
C PRO D 14 29.97 -2.69 41.81
N GLY D 15 29.67 -4.01 41.90
CA GLY D 15 30.29 -4.92 42.88
C GLY D 15 29.57 -4.95 44.22
N GLN D 16 28.67 -4.01 44.52
CA GLN D 16 27.94 -4.02 45.80
C GLN D 16 26.83 -5.07 45.71
N SER D 17 26.21 -5.35 46.85
CA SER D 17 24.99 -6.16 46.98
C SER D 17 23.81 -5.24 47.26
N VAL D 18 22.64 -5.58 46.73
CA VAL D 18 21.37 -4.98 47.19
C VAL D 18 20.43 -6.11 47.62
N THR D 19 19.69 -5.89 48.70
CA THR D 19 18.62 -6.77 49.20
C THR D 19 17.32 -5.97 49.10
N ILE D 20 16.30 -6.55 48.49
CA ILE D 20 14.98 -5.87 48.41
C ILE D 20 13.94 -6.82 49.00
N SER D 21 13.06 -6.28 49.82
CA SER D 21 12.04 -7.08 50.52
C SER D 21 10.72 -7.02 49.77
N CYS D 22 9.89 -7.99 50.05
CA CYS D 22 8.55 -8.20 49.45
C CYS D 22 7.66 -8.74 50.57
N THR D 23 6.92 -7.86 51.23
CA THR D 23 6.09 -8.23 52.39
C THR D 23 4.64 -8.39 51.94
N GLY D 24 4.05 -9.56 52.22
CA GLY D 24 2.61 -9.83 52.07
C GLY D 24 1.99 -10.28 53.38
N THR D 25 1.14 -11.30 53.32
CA THR D 25 0.34 -11.81 54.46
C THR D 25 0.55 -13.32 54.56
N SER D 26 0.03 -13.93 55.62
CA SER D 26 0.15 -15.39 55.89
C SER D 26 -0.59 -16.17 54.80
N SER D 27 -1.61 -15.58 54.18
CA SER D 27 -2.44 -16.22 53.11
C SER D 27 -1.79 -16.10 51.72
N ASP D 28 -0.74 -15.29 51.51
CA ASP D 28 -0.02 -15.21 50.20
C ASP D 28 1.45 -15.62 50.38
N VAL D 29 2.35 -14.67 50.62
CA VAL D 29 3.82 -14.88 50.80
C VAL D 29 4.11 -15.92 51.89
N GLY D 30 3.51 -15.78 53.07
CA GLY D 30 3.73 -16.74 54.17
C GLY D 30 3.01 -18.08 53.94
N GLY D 31 2.09 -18.14 52.98
CA GLY D 31 1.13 -19.24 52.82
C GLY D 31 1.72 -20.42 52.07
N SER D 32 2.73 -20.21 51.25
CA SER D 32 3.29 -21.24 50.33
C SER D 32 4.64 -20.75 49.80
N ASP D 33 5.34 -21.61 49.07
CA ASP D 33 6.68 -21.29 48.51
C ASP D 33 6.48 -20.90 47.05
N SER D 34 5.44 -20.13 46.73
CA SER D 34 5.13 -19.74 45.33
C SER D 34 5.59 -18.29 45.05
N VAL D 35 6.69 -17.83 45.68
CA VAL D 35 7.18 -16.43 45.49
C VAL D 35 8.03 -16.38 44.22
N SER D 36 7.77 -15.41 43.33
CA SER D 36 8.60 -15.21 42.11
C SER D 36 9.18 -13.80 42.09
N TRP D 37 10.33 -13.65 41.45
CA TRP D 37 10.90 -12.31 41.18
C TRP D 37 11.11 -12.16 39.69
N TYR D 38 10.80 -10.97 39.18
CA TYR D 38 11.01 -10.60 37.76
C TYR D 38 11.94 -9.39 37.72
N GLN D 39 12.76 -9.35 36.70
CA GLN D 39 13.56 -8.16 36.36
C GLN D 39 12.98 -7.60 35.07
N GLN D 40 12.72 -6.29 35.04
CA GLN D 40 12.14 -5.66 33.83
C GLN D 40 12.93 -4.38 33.51
N HIS D 41 13.61 -4.37 32.38
CA HIS D 41 14.12 -3.10 31.81
C HIS D 41 12.92 -2.33 31.27
N PRO D 42 12.87 -1.00 31.49
CA PRO D 42 11.79 -0.18 30.95
C PRO D 42 11.57 -0.43 29.45
N GLY D 43 10.31 -0.65 29.06
CA GLY D 43 9.93 -0.83 27.65
C GLY D 43 10.15 -2.26 27.15
N LYS D 44 10.62 -3.17 28.00
CA LYS D 44 10.89 -4.57 27.61
C LYS D 44 9.98 -5.51 28.39
N ALA D 45 9.79 -6.72 27.85
CA ALA D 45 9.18 -7.86 28.59
C ALA D 45 10.07 -8.12 29.79
N PRO D 46 9.47 -8.50 30.95
CA PRO D 46 10.24 -8.89 32.13
C PRO D 46 10.96 -10.23 31.91
N LYS D 47 11.91 -10.54 32.79
CA LYS D 47 12.67 -11.81 32.84
C LYS D 47 12.42 -12.40 34.23
N LEU D 48 12.01 -13.66 34.27
CA LEU D 48 11.83 -14.37 35.54
C LEU D 48 13.22 -14.63 36.10
N ILE D 49 13.50 -14.19 37.33
CA ILE D 49 14.85 -14.44 37.87
C ILE D 49 14.78 -15.44 39.05
N ILE D 50 13.69 -15.50 39.81
CA ILE D 50 13.44 -16.48 40.91
C ILE D 50 12.00 -16.98 40.80
N TYR D 51 11.80 -18.28 40.95
CA TYR D 51 10.47 -18.89 41.20
C TYR D 51 10.61 -19.75 42.45
N GLU D 52 9.48 -20.10 43.07
CA GLU D 52 9.41 -21.00 44.24
C GLU D 52 10.42 -20.53 45.29
N VAL D 53 10.43 -19.21 45.52
CA VAL D 53 11.19 -18.53 46.61
C VAL D 53 12.68 -18.43 46.24
N SER D 54 13.35 -19.50 45.76
CA SER D 54 14.83 -19.61 45.76
C SER D 54 15.43 -20.09 44.42
N GLN D 55 14.62 -20.65 43.53
CA GLN D 55 15.07 -21.35 42.31
C GLN D 55 15.32 -20.32 41.21
N ARG D 56 16.53 -20.34 40.67
CA ARG D 56 16.87 -19.62 39.43
C ARG D 56 16.48 -20.49 38.23
N PRO D 57 15.77 -19.90 37.25
CA PRO D 57 15.56 -20.51 35.95
C PRO D 57 16.87 -20.52 35.19
N SER D 58 16.95 -21.39 34.18
CA SER D 58 18.15 -21.52 33.30
C SER D 58 18.59 -20.13 32.85
N GLY D 59 19.88 -19.89 32.89
CA GLY D 59 20.53 -18.70 32.31
C GLY D 59 20.44 -17.52 33.26
N VAL D 60 19.84 -17.68 34.44
CA VAL D 60 19.89 -16.61 35.47
C VAL D 60 21.12 -16.87 36.34
N PRO D 61 22.02 -15.87 36.47
CA PRO D 61 23.27 -16.04 37.20
C PRO D 61 23.04 -16.26 38.70
N ASN D 62 23.96 -16.97 39.35
CA ASN D 62 23.83 -17.31 40.80
C ASN D 62 24.06 -16.05 41.68
N ARG D 63 24.40 -14.91 41.09
CA ARG D 63 24.33 -13.56 41.74
C ARG D 63 22.95 -13.28 42.32
N PHE D 64 21.89 -13.88 41.79
CA PHE D 64 20.51 -13.59 42.22
C PHE D 64 20.10 -14.70 43.18
N SER D 65 19.78 -14.35 44.43
CA SER D 65 19.34 -15.35 45.43
C SER D 65 18.09 -14.84 46.11
N GLY D 66 17.12 -15.74 46.26
CA GLY D 66 15.84 -15.50 46.93
C GLY D 66 15.72 -16.32 48.20
N SER D 67 15.06 -15.74 49.19
CA SER D 67 14.77 -16.41 50.48
C SER D 67 13.44 -15.86 50.99
N LYS D 68 12.97 -16.42 52.09
CA LYS D 68 11.70 -16.01 52.71
C LYS D 68 11.82 -16.22 54.21
N SER D 69 11.08 -15.44 54.98
CA SER D 69 11.02 -15.46 56.46
C SER D 69 9.67 -14.85 56.84
N GLY D 70 8.77 -15.67 57.37
CA GLY D 70 7.38 -15.27 57.67
C GLY D 70 6.64 -14.83 56.43
N ASN D 71 6.16 -13.60 56.42
CA ASN D 71 5.37 -13.00 55.33
C ASN D 71 6.23 -12.07 54.46
N THR D 72 7.55 -12.19 54.51
CA THR D 72 8.50 -11.32 53.77
C THR D 72 9.48 -12.17 52.98
N ALA D 73 9.47 -12.03 51.65
CA ALA D 73 10.45 -12.64 50.74
C ALA D 73 11.53 -11.60 50.49
N SER D 74 12.73 -12.04 50.13
CA SER D 74 13.84 -11.11 49.85
C SER D 74 14.63 -11.64 48.68
N LEU D 75 15.06 -10.70 47.85
CA LEU D 75 15.95 -10.95 46.71
C LEU D 75 17.20 -10.18 47.06
N THR D 76 18.34 -10.84 47.02
CA THR D 76 19.66 -10.22 47.06
C THR D 76 20.30 -10.37 45.68
N VAL D 77 20.76 -9.24 45.16
CA VAL D 77 21.56 -9.19 43.92
C VAL D 77 22.96 -8.86 44.36
N SER D 78 23.89 -9.77 44.13
CA SER D 78 25.31 -9.57 44.45
C SER D 78 26.09 -9.22 43.18
N GLY D 79 27.29 -8.63 43.33
CA GLY D 79 28.16 -8.22 42.23
C GLY D 79 27.39 -7.34 41.26
N LEU D 80 26.74 -6.29 41.75
CA LEU D 80 25.89 -5.38 40.94
C LEU D 80 26.67 -4.95 39.69
N GLN D 81 26.00 -5.08 38.54
CA GLN D 81 26.53 -4.77 37.18
C GLN D 81 25.48 -3.88 36.49
N ALA D 82 25.86 -3.14 35.44
CA ALA D 82 24.97 -2.21 34.72
C ALA D 82 23.65 -2.90 34.31
N GLU D 83 23.70 -4.14 33.83
CA GLU D 83 22.51 -4.90 33.34
C GLU D 83 21.45 -5.02 34.45
N ASP D 84 21.86 -4.87 35.71
CA ASP D 84 21.00 -5.12 36.89
C ASP D 84 20.08 -3.91 37.10
N ASP D 85 20.46 -2.76 36.55
CA ASP D 85 19.70 -1.50 36.64
C ASP D 85 18.39 -1.75 35.90
N ALA D 86 17.30 -1.81 36.64
CA ALA D 86 16.00 -2.33 36.16
C ALA D 86 14.99 -2.17 37.27
N ASP D 87 13.76 -2.55 36.97
CA ASP D 87 12.65 -2.64 37.94
C ASP D 87 12.52 -4.11 38.34
N TYR D 88 12.30 -4.37 39.62
CA TYR D 88 12.16 -5.74 40.18
C TYR D 88 10.79 -5.87 40.83
N TYR D 89 10.07 -6.92 40.48
CA TYR D 89 8.72 -7.21 40.97
C TYR D 89 8.76 -8.55 41.65
N CYS D 90 8.09 -8.66 42.79
CA CYS D 90 7.79 -9.99 43.34
C CYS D 90 6.33 -10.31 43.06
N SER D 91 5.95 -11.55 43.26
CA SER D 91 4.57 -12.06 43.12
C SER D 91 4.46 -13.26 44.04
N SER D 92 3.25 -13.55 44.51
CA SER D 92 2.89 -14.76 45.30
C SER D 92 1.44 -15.12 44.95
N TYR D 93 1.15 -16.40 44.66
CA TYR D 93 -0.23 -16.96 44.68
C TYR D 93 -0.73 -16.91 46.12
N GLY D 94 -2.03 -16.65 46.27
CA GLY D 94 -2.75 -16.70 47.55
C GLY D 94 -3.80 -17.80 47.49
N GLY D 95 -4.92 -17.60 48.18
CA GLY D 95 -6.10 -18.47 48.01
C GLY D 95 -6.90 -18.03 46.81
N ASP D 96 -7.89 -18.83 46.40
CA ASP D 96 -8.96 -18.37 45.47
C ASP D 96 -8.39 -18.04 44.08
N ASN D 97 -7.30 -18.67 43.67
CA ASN D 97 -6.62 -18.37 42.37
C ASN D 97 -6.15 -16.91 42.30
N ASN D 98 -6.00 -16.24 43.43
CA ASN D 98 -5.43 -14.87 43.48
C ASN D 98 -3.93 -14.88 43.20
N LEU D 99 -3.45 -13.91 42.43
CA LEU D 99 -2.00 -13.70 42.22
C LEU D 99 -1.71 -12.27 42.65
N PHE D 100 -0.84 -12.14 43.63
CA PHE D 100 -0.45 -10.84 44.22
C PHE D 100 0.85 -10.39 43.58
N PHE D 101 0.94 -9.10 43.25
CA PHE D 101 2.16 -8.46 42.74
C PHE D 101 2.56 -7.32 43.66
N GLY D 102 3.85 -7.24 43.93
CA GLY D 102 4.48 -6.08 44.56
C GLY D 102 4.47 -4.86 43.66
N GLY D 103 4.63 -3.68 44.25
CA GLY D 103 4.61 -2.39 43.55
C GLY D 103 5.82 -2.18 42.67
N GLY D 104 6.87 -2.99 42.82
CA GLY D 104 8.12 -2.86 42.06
C GLY D 104 9.17 -2.06 42.83
N THR D 105 10.43 -2.46 42.71
CA THR D 105 11.60 -1.69 43.21
C THR D 105 12.43 -1.31 42.00
N LYS D 106 12.67 -0.01 41.82
CA LYS D 106 13.67 0.52 40.86
C LYS D 106 15.05 0.38 41.48
N VAL D 107 15.89 -0.51 40.93
CA VAL D 107 17.29 -0.71 41.40
C VAL D 107 18.17 0.13 40.48
N THR D 108 18.88 1.10 41.06
CA THR D 108 19.85 1.98 40.37
C THR D 108 21.25 1.44 40.65
N VAL D 109 21.98 1.15 39.58
CA VAL D 109 23.44 0.88 39.65
C VAL D 109 24.13 2.24 39.47
N LEU D 110 24.72 2.77 40.55
CA LEU D 110 25.42 4.09 40.56
C LEU D 110 26.74 4.00 39.79
N GLY D 111 27.23 5.12 39.26
CA GLY D 111 28.56 5.24 38.64
C GLY D 111 28.76 4.19 37.54
N GLN D 112 27.82 4.04 36.61
CA GLN D 112 28.08 3.18 35.42
C GLN D 112 29.15 3.86 34.57
N PRO D 113 29.92 3.10 33.76
CA PRO D 113 30.99 3.68 32.97
C PRO D 113 30.47 4.75 32.00
N LYS D 114 31.14 5.91 32.02
CA LYS D 114 30.91 6.99 31.01
C LYS D 114 31.41 6.53 29.64
N ALA D 115 30.72 6.96 28.59
CA ALA D 115 31.01 6.52 27.21
C ALA D 115 30.62 7.63 26.24
N ALA D 116 31.57 8.01 25.39
CA ALA D 116 31.35 8.92 24.24
C ALA D 116 30.60 8.18 23.15
N PRO D 117 29.77 8.90 22.36
CA PRO D 117 29.03 8.29 21.27
C PRO D 117 29.93 7.93 20.08
N SER D 118 29.68 6.75 19.51
CA SER D 118 29.97 6.46 18.09
C SER D 118 28.97 7.25 17.26
N VAL D 119 29.48 8.07 16.35
CA VAL D 119 28.70 8.93 15.42
C VAL D 119 28.99 8.45 14.00
N THR D 120 27.94 8.14 13.25
CA THR D 120 28.02 7.80 11.82
C THR D 120 26.99 8.63 11.08
N LEU D 121 27.48 9.37 10.07
CA LEU D 121 26.66 10.30 9.27
C LEU D 121 26.45 9.65 7.91
N PHE D 122 25.19 9.48 7.53
CA PHE D 122 24.83 8.85 6.24
C PHE D 122 24.29 9.90 5.30
N PRO D 123 24.84 10.03 4.09
CA PRO D 123 24.30 10.91 3.07
C PRO D 123 23.06 10.25 2.47
N PRO D 124 22.27 10.98 1.65
CA PRO D 124 21.04 10.44 1.07
C PRO D 124 21.27 9.17 0.22
N SER D 125 20.42 8.17 0.36
CA SER D 125 20.50 6.86 -0.37
C SER D 125 20.05 7.07 -1.81
N SER D 126 20.48 6.20 -2.73
CA SER D 126 20.02 6.16 -4.14
C SER D 126 18.47 6.13 -4.16
N GLU D 127 17.87 5.18 -3.45
CA GLU D 127 16.41 4.90 -3.48
C GLU D 127 15.61 6.15 -3.08
N GLU D 128 16.03 6.93 -2.08
CA GLU D 128 15.24 8.13 -1.63
C GLU D 128 15.54 9.31 -2.55
N LEU D 129 16.73 9.39 -3.12
CA LEU D 129 17.03 10.43 -4.14
C LEU D 129 16.19 10.17 -5.39
N GLN D 130 16.04 8.90 -5.77
CA GLN D 130 15.14 8.47 -6.87
C GLN D 130 13.74 9.07 -6.61
N ALA D 131 13.24 8.93 -5.38
CA ALA D 131 11.88 9.37 -4.94
C ALA D 131 11.87 10.84 -4.55
N ASN D 132 12.85 11.63 -5.00
CA ASN D 132 12.90 13.11 -4.78
C ASN D 132 12.91 13.42 -3.28
N LYS D 133 13.62 12.63 -2.46
CA LYS D 133 13.87 12.89 -1.02
C LYS D 133 15.39 12.87 -0.75
N ALA D 134 15.88 13.66 0.19
CA ALA D 134 17.32 13.64 0.53
C ALA D 134 17.55 13.67 2.04
N THR D 135 16.93 12.78 2.82
CA THR D 135 17.09 12.73 4.29
C THR D 135 18.51 12.24 4.63
N LEU D 136 19.16 12.94 5.55
CA LEU D 136 20.44 12.53 6.16
C LEU D 136 20.13 11.92 7.53
N VAL D 137 20.87 10.89 7.93
N VAL D 137 20.87 10.91 7.93
CA VAL D 137 20.75 10.31 9.29
CA VAL D 137 20.70 10.37 9.32
C VAL D 137 22.11 10.41 9.97
C VAL D 137 22.08 10.37 9.99
N CYS D 138 22.11 10.87 11.22
CA CYS D 138 23.30 10.90 12.10
C CYS D 138 23.04 9.84 13.17
N LEU D 139 23.64 8.65 13.04
CA LEU D 139 23.43 7.53 14.02
C LEU D 139 24.37 7.75 15.21
N ILE D 140 23.80 7.83 16.40
CA ILE D 140 24.54 8.14 17.63
C ILE D 140 24.31 6.97 18.56
N SER D 141 25.35 6.19 18.87
CA SER D 141 25.16 4.94 19.64
C SER D 141 26.21 4.80 20.75
N ASP D 142 25.94 3.89 21.69
CA ASP D 142 26.93 3.34 22.63
C ASP D 142 27.44 4.46 23.55
N PHE D 143 26.57 5.40 23.93
CA PHE D 143 26.92 6.53 24.83
C PHE D 143 26.20 6.39 26.17
N TYR D 144 26.85 6.94 27.19
CA TYR D 144 26.35 6.95 28.59
C TYR D 144 27.01 8.12 29.31
N PRO D 145 26.26 8.94 30.08
CA PRO D 145 24.83 8.78 30.27
C PRO D 145 24.00 9.19 29.03
N GLY D 146 22.69 9.35 29.21
CA GLY D 146 21.66 9.40 28.15
C GLY D 146 21.56 10.74 27.43
N ALA D 147 21.90 11.86 28.06
CA ALA D 147 21.72 13.20 27.46
C ALA D 147 22.73 13.43 26.31
N VAL D 148 22.22 13.75 25.12
CA VAL D 148 23.01 14.25 23.95
C VAL D 148 22.31 15.48 23.38
N THR D 149 23.04 16.39 22.74
CA THR D 149 22.44 17.45 21.89
C THR D 149 23.10 17.38 20.53
N VAL D 150 22.31 17.68 19.51
CA VAL D 150 22.73 17.61 18.09
C VAL D 150 22.48 18.98 17.49
N ALA D 151 23.40 19.43 16.66
CA ALA D 151 23.30 20.65 15.84
C ALA D 151 23.79 20.23 14.45
N TRP D 152 23.15 20.76 13.42
CA TRP D 152 23.51 20.45 12.02
C TRP D 152 24.06 21.73 11.39
N LYS D 153 24.97 21.56 10.43
CA LYS D 153 25.58 22.64 9.63
C LYS D 153 25.39 22.33 8.13
N ALA D 154 25.08 23.37 7.37
CA ALA D 154 25.07 23.38 5.89
C ALA D 154 26.28 24.21 5.48
N ASP D 155 27.28 23.56 4.92
CA ASP D 155 28.62 24.20 4.84
C ASP D 155 29.01 24.54 6.28
N SER D 156 29.38 25.77 6.61
CA SER D 156 29.81 26.13 7.98
C SER D 156 28.68 26.78 8.79
N SER D 157 27.49 26.93 8.21
CA SER D 157 26.36 27.72 8.77
C SER D 157 25.37 26.78 9.46
N PRO D 158 24.79 27.20 10.60
CA PRO D 158 23.76 26.40 11.27
C PRO D 158 22.53 26.14 10.39
N VAL D 159 21.97 24.93 10.51
CA VAL D 159 20.65 24.51 9.94
C VAL D 159 19.66 24.56 11.09
N LYS D 160 18.55 25.27 10.95
CA LYS D 160 17.59 25.48 12.06
C LYS D 160 16.27 24.73 11.77
N ALA D 161 16.08 24.27 10.53
CA ALA D 161 14.83 23.63 10.01
C ALA D 161 15.11 22.19 9.56
N GLY D 162 14.12 21.31 9.74
CA GLY D 162 14.16 19.97 9.14
C GLY D 162 14.82 18.97 10.07
N VAL D 163 15.10 19.34 11.32
CA VAL D 163 15.84 18.47 12.26
C VAL D 163 14.83 17.79 13.18
N GLU D 164 14.99 16.48 13.36
CA GLU D 164 14.40 15.68 14.45
C GLU D 164 15.50 14.81 15.02
N THR D 165 15.52 14.68 16.33
CA THR D 165 16.40 13.75 17.05
C THR D 165 15.53 12.93 17.99
N THR D 166 15.71 11.62 17.97
CA THR D 166 14.89 10.71 18.79
C THR D 166 15.38 10.80 20.24
N THR D 167 14.47 10.57 21.17
CA THR D 167 14.76 10.39 22.62
C THR D 167 15.73 9.22 22.78
N PRO D 168 16.91 9.47 23.37
CA PRO D 168 17.89 8.41 23.55
C PRO D 168 17.21 7.24 24.27
N SER D 169 17.46 6.02 23.77
CA SER D 169 16.94 4.78 24.38
C SER D 169 18.10 3.85 24.73
N LYS D 170 18.01 3.21 25.90
CA LYS D 170 19.03 2.23 26.36
C LYS D 170 18.89 0.96 25.52
N GLN D 171 19.98 0.53 24.89
CA GLN D 171 20.04 -0.68 24.04
C GLN D 171 20.55 -1.86 24.88
N SER D 172 20.67 -3.02 24.25
CA SER D 172 20.96 -4.33 24.90
C SER D 172 22.28 -4.25 25.68
N ASN D 173 23.15 -3.29 25.37
CA ASN D 173 24.51 -3.14 25.97
C ASN D 173 24.49 -2.13 27.13
N ASN D 174 23.29 -1.70 27.56
CA ASN D 174 23.07 -0.78 28.70
C ASN D 174 23.65 0.61 28.36
N LYS D 175 23.87 0.92 27.07
CA LYS D 175 24.30 2.26 26.60
C LYS D 175 23.22 2.80 25.66
N TYR D 176 23.13 4.12 25.53
CA TYR D 176 22.01 4.80 24.84
C TYR D 176 22.34 4.93 23.37
N ALA D 177 21.30 4.90 22.52
CA ALA D 177 21.40 5.14 21.07
C ALA D 177 20.29 6.10 20.66
N ALA D 178 20.59 6.97 19.70
CA ALA D 178 19.58 7.87 19.10
C ALA D 178 19.97 8.14 17.65
N SER D 179 19.01 8.66 16.88
CA SER D 179 19.28 9.10 15.49
C SER D 179 18.80 10.55 15.39
N SER D 180 19.58 11.40 14.74
CA SER D 180 19.10 12.73 14.30
C SER D 180 18.96 12.61 12.78
N TYR D 181 17.86 13.12 12.23
CA TYR D 181 17.61 13.07 10.77
C TYR D 181 17.27 14.49 10.30
N LEU D 182 17.94 14.90 9.23
CA LEU D 182 17.75 16.19 8.56
C LEU D 182 16.99 15.94 7.28
N SER D 183 15.77 16.46 7.18
CA SER D 183 14.93 16.31 5.98
C SER D 183 15.30 17.39 4.97
N LEU D 184 16.07 17.04 3.94
CA LEU D 184 16.46 17.96 2.83
C LEU D 184 15.74 17.55 1.55
N THR D 185 15.53 18.53 0.68
CA THR D 185 15.17 18.30 -0.74
C THR D 185 16.47 17.93 -1.46
N PRO D 186 16.43 17.06 -2.49
CA PRO D 186 17.60 16.85 -3.34
C PRO D 186 18.25 18.19 -3.70
N GLU D 187 17.48 19.24 -3.97
CA GLU D 187 17.98 20.58 -4.34
C GLU D 187 18.91 21.09 -3.24
N GLN D 188 18.48 21.07 -1.97
CA GLN D 188 19.29 21.57 -0.82
C GLN D 188 20.56 20.75 -0.69
N TRP D 189 20.45 19.43 -0.77
CA TRP D 189 21.60 18.51 -0.63
C TRP D 189 22.66 18.89 -1.67
N LYS D 190 22.26 19.13 -2.93
CA LYS D 190 23.18 19.38 -4.08
C LYS D 190 23.72 20.82 -4.06
N SER D 191 22.98 21.79 -3.50
CA SER D 191 23.33 23.24 -3.46
C SER D 191 24.37 23.57 -2.37
N HIS D 192 24.82 22.58 -1.60
CA HIS D 192 25.84 22.77 -0.54
C HIS D 192 27.05 21.90 -0.84
N ARG D 193 28.20 22.35 -0.35
CA ARG D 193 29.51 21.65 -0.45
C ARG D 193 29.49 20.47 0.50
N SER D 194 28.88 20.63 1.67
CA SER D 194 28.78 19.55 2.69
C SER D 194 27.65 19.82 3.67
N TYR D 195 27.28 18.79 4.41
CA TYR D 195 26.47 18.91 5.65
C TYR D 195 27.20 18.23 6.80
N SER D 196 27.04 18.75 8.01
CA SER D 196 27.77 18.24 9.18
C SER D 196 26.77 17.97 10.31
N CYS D 197 27.00 16.89 11.07
CA CYS D 197 26.24 16.58 12.31
C CYS D 197 27.19 16.79 13.48
N GLN D 198 26.87 17.67 14.43
CA GLN D 198 27.72 17.85 15.64
C GLN D 198 26.96 17.31 16.84
N VAL D 199 27.55 16.35 17.52
CA VAL D 199 26.95 15.71 18.72
C VAL D 199 27.79 16.09 19.95
N THR D 200 27.13 16.72 20.92
CA THR D 200 27.67 17.16 22.23
C THR D 200 27.17 16.22 23.32
N HIS D 201 28.09 15.47 23.91
CA HIS D 201 27.87 14.55 25.05
C HIS D 201 28.87 14.90 26.16
N GLU D 202 28.37 15.25 27.34
CA GLU D 202 29.21 15.51 28.55
C GLU D 202 30.31 16.50 28.18
N GLY D 203 29.94 17.59 27.50
CA GLY D 203 30.78 18.76 27.22
C GLY D 203 31.69 18.58 26.01
N SER D 204 31.93 17.34 25.56
CA SER D 204 32.73 17.00 24.36
C SER D 204 31.82 16.94 23.12
N THR D 205 32.36 17.35 21.98
CA THR D 205 31.65 17.45 20.67
C THR D 205 32.39 16.64 19.61
N VAL D 206 31.64 15.82 18.89
CA VAL D 206 32.08 14.94 17.77
C VAL D 206 31.35 15.46 16.52
N GLU D 207 32.11 15.79 15.48
CA GLU D 207 31.56 16.36 14.24
C GLU D 207 31.78 15.36 13.11
N LYS D 208 30.74 15.09 12.31
CA LYS D 208 30.91 14.33 11.07
C LYS D 208 30.38 15.22 9.94
N THR D 209 30.96 15.00 8.76
CA THR D 209 30.71 15.77 7.52
C THR D 209 30.58 14.81 6.33
N VAL D 210 29.55 15.01 5.53
CA VAL D 210 29.40 14.25 4.26
C VAL D 210 29.18 15.27 3.16
N ALA D 211 29.55 14.93 1.93
CA ALA D 211 29.50 15.83 0.75
C ALA D 211 28.84 15.10 -0.40
N PRO D 212 28.03 15.78 -1.24
CA PRO D 212 27.37 15.11 -2.37
C PRO D 212 28.39 14.29 -3.18
N THR D 213 28.02 13.04 -3.48
CA THR D 213 28.90 12.02 -4.09
C THR D 213 29.00 12.36 -5.57
N GLU D 214 29.81 11.60 -6.32
CA GLU D 214 29.97 11.75 -7.80
C GLU D 214 29.57 10.44 -8.47
N CYS D 215 30.16 9.32 -8.05
CA CYS D 215 29.89 7.93 -8.50
C CYS D 215 28.87 7.92 -9.65
#